data_8SJ1
#
_entry.id   8SJ1
#
_cell.length_a   77.184
_cell.length_b   97.580
_cell.length_c   142.283
_cell.angle_alpha   90.00
_cell.angle_beta   90.00
_cell.angle_gamma   90.00
#
_symmetry.space_group_name_H-M   'P 21 21 21'
#
loop_
_entity.id
_entity.type
_entity.pdbx_description
1 polymer 'Cyclic GMP-AMP synthase'
2 polymer 'Palindromic DNA18'
3 non-polymer "3'-DEOXYADENOSINE-5'-TRIPHOSPHATE"
4 non-polymer 'ZINC ION'
5 non-polymer 'MAGNESIUM ION'
6 water water
#
loop_
_entity_poly.entity_id
_entity_poly.type
_entity_poly.pdbx_seq_one_letter_code
_entity_poly.pdbx_strand_id
1 'polypeptide(L)'
;GTGPDKLKKVLDKLRLKRKDISEAAETVNKVVERLLRRMQKRESEFKGVEQLNTGSYYEHVKISAPNEFDVMFKLEVPRI
ELQEYYETGAFYLVKFKRIPRGNPLSHFLEGEVLSATKMLSKFRKIIKEEVKEIKDIDVSVEKEKPGSPAVTLLIRNPEE
ISVDIILALESKGSWPISTKEGLPIQGWLGTKVRTNLRREPFYLVPKNAKDGNSFQGETWRLSFSHTEKYILNNHGIEKT
CCESSGAKCCRKECLKLMKYLLEQLKKEFQELDAFCSYHVKTAIFHMWTQDPQDSQWDPRNLSSCFDKLLAFFLECLRTE
KLDHYFIPKFNLFSQELIDRKSKEFLSKKIEYERNNGFPIFDKL
;
A,C
2 'polydeoxyribonucleotide' (DA)(DT)(DC)(DT)(DG)(DT)(DA)(DC)(DA)(DT)(DG)(DT)(DA)(DC)(DA)(DG)(DA)(DT) E,F,I,J
#
# COMPACT_ATOMS: atom_id res chain seq x y z
N ASP A 5 -30.42 10.54 -13.71
CA ASP A 5 -31.56 9.66 -13.96
C ASP A 5 -31.50 9.03 -15.36
N LYS A 6 -31.55 9.85 -16.42
CA LYS A 6 -31.19 9.33 -17.74
C LYS A 6 -29.86 8.57 -17.70
N LEU A 7 -28.86 9.18 -17.05
CA LEU A 7 -27.56 8.53 -17.01
C LEU A 7 -27.58 7.32 -16.07
N LYS A 8 -28.36 7.38 -14.98
CA LYS A 8 -28.50 6.19 -14.16
C LYS A 8 -28.99 5.01 -14.99
N LYS A 9 -30.05 5.22 -15.78
CA LYS A 9 -30.66 4.13 -16.54
C LYS A 9 -29.69 3.51 -17.55
N VAL A 10 -28.80 4.32 -18.13
CA VAL A 10 -27.77 3.78 -19.01
C VAL A 10 -26.87 2.83 -18.24
N LEU A 11 -26.29 3.34 -17.15
CA LEU A 11 -25.47 2.52 -16.26
C LEU A 11 -26.15 1.20 -15.92
N ASP A 12 -27.47 1.22 -15.73
CA ASP A 12 -28.18 -0.01 -15.44
C ASP A 12 -28.16 -0.96 -16.63
N LYS A 13 -28.27 -0.42 -17.84
CA LYS A 13 -28.10 -1.23 -19.04
C LYS A 13 -26.65 -1.65 -19.24
N LEU A 14 -25.69 -0.83 -18.78
CA LEU A 14 -24.28 -1.16 -18.95
C LEU A 14 -23.81 -2.25 -17.99
N ARG A 15 -24.41 -2.31 -16.80
CA ARG A 15 -24.00 -3.27 -15.77
C ARG A 15 -24.00 -4.69 -16.31
N LEU A 16 -22.97 -5.46 -15.92
CA LEU A 16 -22.94 -6.87 -16.30
C LEU A 16 -23.86 -7.70 -15.38
N LYS A 17 -24.11 -8.93 -15.80
CA LYS A 17 -24.96 -9.86 -15.07
C LYS A 17 -24.12 -10.96 -14.45
N ARG A 18 -24.30 -11.17 -13.15
CA ARG A 18 -23.57 -12.23 -12.45
C ARG A 18 -23.67 -13.58 -13.16
N LYS A 19 -24.83 -13.89 -13.75
CA LYS A 19 -25.01 -15.13 -14.49
C LYS A 19 -24.10 -15.18 -15.71
N ASP A 20 -24.05 -14.09 -16.50
CA ASP A 20 -23.11 -14.03 -17.62
C ASP A 20 -21.68 -14.13 -17.11
N ILE A 21 -21.39 -13.42 -16.02
CA ILE A 21 -20.02 -13.35 -15.53
C ILE A 21 -19.52 -14.73 -15.11
N SER A 22 -20.38 -15.52 -14.43
CA SER A 22 -19.98 -16.88 -14.05
C SER A 22 -19.68 -17.73 -15.27
N GLU A 23 -20.52 -17.64 -16.28
CA GLU A 23 -20.35 -18.53 -17.41
C GLU A 23 -19.14 -18.12 -18.26
N ALA A 24 -18.94 -16.82 -18.44
CA ALA A 24 -17.75 -16.32 -19.11
C ALA A 24 -16.49 -16.70 -18.34
N ALA A 25 -16.43 -16.35 -17.05
CA ALA A 25 -15.19 -16.49 -16.29
C ALA A 25 -14.78 -17.95 -16.14
N GLU A 26 -15.75 -18.84 -16.00
CA GLU A 26 -15.45 -20.27 -15.91
C GLU A 26 -14.72 -20.75 -17.17
N THR A 27 -15.35 -20.53 -18.33
CA THR A 27 -14.72 -20.90 -19.59
C THR A 27 -13.35 -20.23 -19.73
N VAL A 28 -13.30 -18.89 -19.63
CA VAL A 28 -12.05 -18.18 -19.85
C VAL A 28 -10.96 -18.73 -18.95
N ASN A 29 -11.25 -18.86 -17.65
CA ASN A 29 -10.24 -19.35 -16.72
C ASN A 29 -9.76 -20.75 -17.10
N LYS A 30 -10.66 -21.63 -17.53
CA LYS A 30 -10.23 -22.97 -17.94
C LYS A 30 -9.16 -22.90 -19.03
N VAL A 31 -9.39 -22.06 -20.04
CA VAL A 31 -8.45 -21.94 -21.15
C VAL A 31 -7.13 -21.37 -20.66
N VAL A 32 -7.18 -20.18 -20.07
CA VAL A 32 -5.98 -19.47 -19.62
C VAL A 32 -5.13 -20.37 -18.73
N GLU A 33 -5.80 -21.11 -17.84
CA GLU A 33 -5.07 -22.03 -16.95
C GLU A 33 -4.35 -23.10 -17.74
N ARG A 34 -4.90 -23.49 -18.88
CA ARG A 34 -4.30 -24.58 -19.62
C ARG A 34 -3.15 -24.07 -20.47
N LEU A 35 -3.26 -22.85 -21.02
CA LEU A 35 -2.13 -22.30 -21.77
C LEU A 35 -0.99 -21.93 -20.85
N LEU A 36 -1.29 -21.49 -19.61
CA LEU A 36 -0.23 -21.15 -18.66
C LEU A 36 0.58 -22.38 -18.24
N ARG A 37 -0.13 -23.49 -17.95
CA ARG A 37 0.52 -24.77 -17.66
C ARG A 37 1.42 -25.22 -18.81
N ARG A 38 0.95 -25.09 -20.06
CA ARG A 38 1.74 -25.52 -21.22
C ARG A 38 3.01 -24.69 -21.36
N MET A 39 2.91 -23.38 -21.08
CA MET A 39 4.07 -22.51 -20.93
C MET A 39 5.09 -23.09 -19.96
N GLN A 40 4.61 -23.77 -18.90
CA GLN A 40 5.46 -24.25 -17.82
C GLN A 40 6.21 -25.51 -18.20
N LYS A 41 5.66 -26.30 -19.12
CA LYS A 41 6.17 -27.65 -19.36
C LYS A 41 7.31 -27.64 -20.36
N ARG A 42 7.98 -28.80 -20.46
CA ARG A 42 9.05 -29.06 -21.41
C ARG A 42 10.19 -28.06 -21.30
N GLU A 43 11.10 -28.13 -22.27
CA GLU A 43 12.01 -27.03 -22.57
C GLU A 43 11.25 -26.00 -23.40
N SER A 44 10.29 -25.37 -22.75
CA SER A 44 9.62 -24.22 -23.32
C SER A 44 10.47 -23.00 -22.99
N GLU A 45 10.78 -22.20 -24.02
CA GLU A 45 11.52 -20.95 -23.82
C GLU A 45 10.81 -20.01 -22.85
N PHE A 46 9.51 -20.24 -22.61
CA PHE A 46 8.68 -19.39 -21.77
C PHE A 46 8.39 -20.01 -20.41
N LYS A 47 9.06 -21.09 -20.06
CA LYS A 47 8.93 -21.61 -18.70
C LYS A 47 9.28 -20.50 -17.74
N GLY A 48 8.48 -20.33 -16.69
CA GLY A 48 8.64 -19.24 -15.75
C GLY A 48 7.65 -18.09 -15.95
N VAL A 49 7.06 -18.00 -17.15
CA VAL A 49 6.07 -16.99 -17.44
C VAL A 49 4.97 -17.01 -16.38
N GLU A 50 4.42 -15.83 -16.10
CA GLU A 50 3.56 -15.60 -14.95
C GLU A 50 2.32 -14.81 -15.39
N GLN A 51 1.17 -15.15 -14.84
CA GLN A 51 -0.09 -14.57 -15.29
C GLN A 51 -0.40 -13.30 -14.51
N LEU A 52 -1.09 -12.36 -15.17
CA LEU A 52 -1.46 -11.07 -14.59
C LEU A 52 -2.71 -10.58 -15.33
N ASN A 53 -3.84 -10.51 -14.63
CA ASN A 53 -5.10 -10.11 -15.27
C ASN A 53 -5.22 -8.59 -15.31
N THR A 54 -5.52 -8.04 -16.49
CA THR A 54 -5.53 -6.59 -16.68
C THR A 54 -6.76 -6.18 -17.48
N GLY A 55 -6.90 -4.88 -17.69
CA GLY A 55 -7.96 -4.40 -18.54
C GLY A 55 -9.23 -4.12 -17.78
N SER A 56 -10.24 -3.73 -18.53
CA SER A 56 -11.43 -3.20 -17.88
C SER A 56 -12.20 -4.26 -17.11
N TYR A 57 -12.16 -5.53 -17.55
CA TYR A 57 -12.94 -6.53 -16.82
C TYR A 57 -12.43 -6.68 -15.39
N TYR A 58 -11.11 -6.67 -15.22
CA TYR A 58 -10.49 -6.78 -13.92
C TYR A 58 -10.35 -5.45 -13.23
N GLU A 59 -10.65 -4.36 -13.93
CA GLU A 59 -10.78 -3.03 -13.33
C GLU A 59 -12.21 -2.71 -12.91
N HIS A 60 -13.18 -3.58 -13.24
CA HIS A 60 -14.63 -3.38 -12.98
C HIS A 60 -15.20 -2.19 -13.73
N VAL A 61 -14.70 -1.95 -14.94
CA VAL A 61 -15.31 -0.98 -15.85
C VAL A 61 -15.67 -1.63 -17.18
N LYS A 62 -15.71 -2.96 -17.23
CA LYS A 62 -16.16 -3.64 -18.43
C LYS A 62 -17.66 -3.41 -18.57
N ILE A 63 -18.10 -2.94 -19.73
CA ILE A 63 -19.51 -2.56 -19.93
C ILE A 63 -20.19 -3.55 -20.88
N SER A 64 -21.53 -3.47 -20.90
CA SER A 64 -22.45 -4.23 -21.74
C SER A 64 -22.43 -5.73 -21.44
N ALA A 65 -21.36 -6.43 -21.80
CA ALA A 65 -21.28 -7.88 -21.67
C ALA A 65 -19.87 -8.27 -21.31
N PRO A 66 -19.69 -9.36 -20.57
CA PRO A 66 -18.33 -9.81 -20.20
C PRO A 66 -17.67 -10.65 -21.29
N ASN A 67 -17.45 -10.02 -22.45
CA ASN A 67 -17.06 -10.70 -23.68
C ASN A 67 -15.64 -10.36 -24.13
N GLU A 68 -14.83 -9.76 -23.26
CA GLU A 68 -13.48 -9.41 -23.64
C GLU A 68 -12.63 -9.38 -22.39
N PHE A 69 -11.61 -10.26 -22.33
CA PHE A 69 -10.68 -10.39 -21.20
C PHE A 69 -9.27 -10.15 -21.69
N ASP A 70 -8.43 -9.52 -20.86
CA ASP A 70 -7.02 -9.30 -21.20
C ASP A 70 -6.12 -9.86 -20.12
N VAL A 71 -5.15 -10.69 -20.51
CA VAL A 71 -4.29 -11.36 -19.55
C VAL A 71 -2.84 -11.26 -20.02
N MET A 72 -1.96 -10.87 -19.12
CA MET A 72 -0.54 -10.79 -19.41
C MET A 72 0.11 -12.11 -19.04
N PHE A 73 0.85 -12.67 -19.98
CA PHE A 73 1.82 -13.72 -19.68
C PHE A 73 3.16 -12.98 -19.65
N LYS A 74 3.69 -12.79 -18.44
CA LYS A 74 4.83 -11.93 -18.22
C LYS A 74 6.03 -12.75 -17.75
N LEU A 75 7.21 -12.41 -18.24
CA LEU A 75 8.41 -13.22 -18.02
C LEU A 75 9.53 -12.35 -17.45
N GLU A 76 9.98 -12.66 -16.24
CA GLU A 76 11.08 -11.89 -15.66
C GLU A 76 12.33 -12.14 -16.50
N VAL A 77 12.93 -11.05 -16.96
CA VAL A 77 14.11 -11.10 -17.81
C VAL A 77 15.18 -10.30 -17.08
N PRO A 78 16.00 -10.89 -16.21
CA PRO A 78 17.09 -10.19 -15.58
C PRO A 78 18.14 -9.72 -16.59
N ARG A 79 19.17 -9.07 -16.06
CA ARG A 79 20.22 -8.53 -16.91
C ARG A 79 19.64 -7.30 -17.61
N ILE A 80 20.41 -6.23 -17.67
CA ILE A 80 19.92 -4.91 -18.03
C ILE A 80 19.87 -4.78 -19.54
N GLU A 81 19.52 -3.61 -20.03
CA GLU A 81 19.22 -3.42 -21.44
C GLU A 81 18.74 -2.00 -21.73
N LEU A 82 17.90 -1.89 -22.77
CA LEU A 82 17.05 -0.73 -23.08
C LEU A 82 17.79 0.39 -23.80
N GLN A 83 17.49 0.51 -25.09
CA GLN A 83 17.99 1.61 -25.92
C GLN A 83 16.76 2.29 -26.48
N GLU A 84 16.49 3.51 -26.02
CA GLU A 84 15.26 4.18 -26.44
C GLU A 84 15.29 4.38 -27.95
N TYR A 85 14.15 4.13 -28.57
CA TYR A 85 14.06 4.11 -30.02
C TYR A 85 13.73 5.52 -30.48
N TYR A 86 14.75 6.24 -30.96
CA TYR A 86 14.57 7.52 -31.65
C TYR A 86 13.85 8.56 -30.79
N GLU A 87 14.05 8.50 -29.48
CA GLU A 87 13.49 9.49 -28.54
C GLU A 87 11.97 9.51 -28.56
N THR A 88 11.35 8.37 -28.87
CA THR A 88 9.90 8.31 -28.91
C THR A 88 9.29 8.23 -27.52
N GLY A 89 10.10 8.08 -26.48
CA GLY A 89 9.56 7.83 -25.15
C GLY A 89 8.99 6.44 -24.84
N ALA A 90 8.20 5.86 -25.75
CA ALA A 90 7.45 4.65 -25.48
C ALA A 90 8.07 3.39 -26.03
N PHE A 91 9.03 3.48 -26.96
CA PHE A 91 9.48 2.30 -27.71
C PHE A 91 10.96 2.05 -27.50
N TYR A 92 11.34 0.77 -27.38
CA TYR A 92 12.68 0.42 -26.90
C TYR A 92 13.20 -0.83 -27.60
N LEU A 93 14.52 -0.86 -27.82
CA LEU A 93 15.25 -2.08 -28.14
C LEU A 93 15.80 -2.71 -26.85
N VAL A 94 15.68 -4.03 -26.74
CA VAL A 94 16.12 -4.78 -25.57
C VAL A 94 17.46 -5.43 -25.88
N LYS A 95 18.50 -5.09 -25.13
CA LYS A 95 19.83 -5.67 -25.31
C LYS A 95 20.20 -6.58 -24.15
N PHE A 96 21.10 -7.51 -24.41
CA PHE A 96 21.51 -8.48 -23.40
C PHE A 96 23.02 -8.41 -23.21
N LYS A 97 23.45 -8.53 -21.95
CA LYS A 97 24.85 -8.42 -21.57
C LYS A 97 25.56 -9.76 -21.40
N ARG A 98 24.83 -10.87 -21.21
CA ARG A 98 25.41 -12.22 -21.11
C ARG A 98 25.01 -13.06 -22.32
N ILE A 99 25.86 -14.02 -22.67
CA ILE A 99 25.58 -14.88 -23.82
C ILE A 99 25.40 -16.34 -23.41
N ASN A 103 20.96 -19.72 -21.71
CA ASN A 103 19.91 -18.71 -21.66
C ASN A 103 18.66 -19.23 -22.39
N PRO A 104 17.54 -19.34 -21.67
CA PRO A 104 16.30 -19.83 -22.32
C PRO A 104 15.89 -19.01 -23.52
N LEU A 105 16.29 -17.74 -23.59
CA LEU A 105 15.97 -16.88 -24.72
C LEU A 105 17.10 -16.81 -25.74
N SER A 106 18.02 -17.78 -25.72
CA SER A 106 19.09 -17.79 -26.71
C SER A 106 18.53 -17.71 -28.13
N HIS A 107 17.41 -18.40 -28.39
CA HIS A 107 16.94 -18.59 -29.76
C HIS A 107 16.46 -17.29 -30.40
N PHE A 108 16.03 -16.33 -29.59
CA PHE A 108 15.41 -15.11 -30.09
C PHE A 108 16.38 -13.96 -30.23
N LEU A 109 17.66 -14.18 -29.95
CA LEU A 109 18.66 -13.13 -30.00
C LEU A 109 19.12 -12.89 -31.44
N GLU A 110 19.61 -11.66 -31.68
CA GLU A 110 20.18 -11.24 -32.96
C GLU A 110 21.45 -10.45 -32.69
N GLY A 111 22.39 -11.09 -31.99
CA GLY A 111 23.54 -10.41 -31.40
C GLY A 111 23.08 -9.37 -30.39
N GLU A 112 22.89 -9.80 -29.13
CA GLU A 112 22.53 -8.90 -28.03
C GLU A 112 21.09 -8.37 -28.05
N VAL A 113 20.44 -8.29 -29.21
CA VAL A 113 19.15 -7.62 -29.33
C VAL A 113 18.04 -8.66 -29.43
N LEU A 114 17.01 -8.50 -28.63
CA LEU A 114 15.97 -9.50 -28.49
C LEU A 114 14.90 -9.26 -29.54
N SER A 115 14.64 -10.24 -30.41
CA SER A 115 13.66 -10.05 -31.48
C SER A 115 12.28 -10.25 -30.89
N ALA A 116 11.50 -9.16 -30.86
CA ALA A 116 10.13 -9.23 -30.38
C ALA A 116 9.28 -10.14 -31.26
N THR A 117 9.40 -10.02 -32.59
CA THR A 117 8.52 -10.82 -33.45
C THR A 117 8.93 -12.28 -33.42
N LYS A 118 10.24 -12.56 -33.35
CA LYS A 118 10.67 -13.96 -33.20
C LYS A 118 10.15 -14.56 -31.90
N MET A 119 10.18 -13.77 -30.81
CA MET A 119 9.60 -14.23 -29.54
C MET A 119 8.11 -14.45 -29.66
N LEU A 120 7.42 -13.49 -30.31
CA LEU A 120 5.97 -13.53 -30.50
C LEU A 120 5.56 -14.65 -31.44
N SER A 121 6.41 -14.99 -32.41
CA SER A 121 6.09 -16.10 -33.30
C SER A 121 6.05 -17.41 -32.53
N LYS A 122 7.09 -17.67 -31.72
CA LYS A 122 7.15 -18.90 -30.96
C LYS A 122 6.04 -18.97 -29.92
N PHE A 123 5.79 -17.86 -29.24
CA PHE A 123 4.68 -17.78 -28.30
C PHE A 123 3.38 -18.17 -28.98
N ARG A 124 3.18 -17.63 -30.18
CA ARG A 124 1.94 -17.88 -30.91
C ARG A 124 1.83 -19.33 -31.38
N LYS A 125 2.93 -19.90 -31.85
CA LYS A 125 2.86 -21.29 -32.27
C LYS A 125 2.49 -22.17 -31.08
N ILE A 126 3.07 -21.91 -29.90
CA ILE A 126 2.79 -22.75 -28.74
C ILE A 126 1.35 -22.60 -28.32
N ILE A 127 0.85 -21.36 -28.30
CA ILE A 127 -0.57 -21.16 -28.00
C ILE A 127 -1.43 -21.90 -29.02
N LYS A 128 -1.06 -21.81 -30.30
CA LYS A 128 -1.84 -22.48 -31.34
C LYS A 128 -1.82 -23.99 -31.19
N GLU A 129 -0.64 -24.56 -30.94
CA GLU A 129 -0.53 -26.00 -30.73
C GLU A 129 -1.39 -26.47 -29.55
N GLU A 130 -1.44 -25.68 -28.49
CA GLU A 130 -2.23 -26.06 -27.32
C GLU A 130 -3.71 -25.80 -27.52
N VAL A 131 -4.08 -24.95 -28.48
CA VAL A 131 -5.50 -24.70 -28.71
C VAL A 131 -6.13 -25.85 -29.48
N LYS A 132 -5.41 -26.39 -30.49
CA LYS A 132 -5.89 -27.54 -31.25
C LYS A 132 -6.34 -28.66 -30.33
N GLU A 133 -5.71 -28.80 -29.17
CA GLU A 133 -5.92 -29.95 -28.29
C GLU A 133 -7.02 -29.73 -27.24
N ILE A 134 -7.58 -28.52 -27.17
CA ILE A 134 -8.77 -28.30 -26.36
C ILE A 134 -9.97 -28.88 -27.08
N LYS A 135 -10.68 -29.78 -26.42
CA LYS A 135 -11.79 -30.55 -26.99
C LYS A 135 -13.11 -30.31 -26.25
N ASP A 136 -13.15 -29.31 -25.36
CA ASP A 136 -14.27 -28.95 -24.49
C ASP A 136 -15.15 -27.86 -25.07
N ILE A 137 -14.53 -26.71 -25.32
CA ILE A 137 -15.18 -25.48 -25.70
C ILE A 137 -14.66 -25.03 -27.07
N ASP A 138 -15.49 -24.24 -27.73
CA ASP A 138 -15.25 -23.81 -29.11
C ASP A 138 -14.31 -22.60 -29.07
N VAL A 139 -13.01 -22.82 -29.23
CA VAL A 139 -12.03 -21.74 -29.08
C VAL A 139 -10.98 -21.83 -30.19
N SER A 140 -10.88 -20.78 -31.00
CA SER A 140 -9.90 -20.71 -32.08
C SER A 140 -9.02 -19.46 -31.90
N VAL A 141 -7.89 -19.43 -32.59
CA VAL A 141 -6.91 -18.35 -32.51
C VAL A 141 -7.10 -17.38 -33.66
N GLU A 142 -7.48 -16.15 -33.35
CA GLU A 142 -7.71 -15.15 -34.38
C GLU A 142 -6.42 -14.83 -35.13
N LYS A 143 -6.59 -14.46 -36.39
CA LYS A 143 -5.46 -14.13 -37.28
C LYS A 143 -4.72 -12.90 -36.77
N GLU A 144 -3.37 -12.97 -36.79
CA GLU A 144 -2.58 -11.87 -36.26
C GLU A 144 -3.01 -10.56 -36.92
N LYS A 145 -3.22 -9.49 -36.09
CA LYS A 145 -3.46 -8.13 -36.51
C LYS A 145 -2.18 -7.32 -36.36
N PRO A 146 -1.84 -6.49 -37.35
CA PRO A 146 -0.59 -5.71 -37.23
C PRO A 146 -0.66 -4.71 -36.08
N GLY A 147 0.50 -4.48 -35.47
CA GLY A 147 0.62 -3.54 -34.37
C GLY A 147 0.04 -4.03 -33.06
N SER A 148 0.02 -5.33 -32.83
CA SER A 148 -0.63 -5.87 -31.65
C SER A 148 0.24 -6.94 -31.01
N PRO A 149 0.52 -6.83 -29.71
CA PRO A 149 1.34 -7.83 -29.05
C PRO A 149 0.56 -9.08 -28.69
N ALA A 150 -0.73 -9.11 -29.01
CA ALA A 150 -1.64 -10.08 -28.43
C ALA A 150 -1.66 -11.33 -29.28
N VAL A 151 -2.04 -12.44 -28.65
CA VAL A 151 -2.58 -13.61 -29.32
C VAL A 151 -4.01 -13.73 -28.82
N THR A 152 -4.98 -13.56 -29.71
CA THR A 152 -6.37 -13.38 -29.33
C THR A 152 -7.14 -14.67 -29.53
N LEU A 153 -7.80 -15.13 -28.48
CA LEU A 153 -8.66 -16.30 -28.55
C LEU A 153 -10.11 -15.84 -28.73
N LEU A 154 -10.76 -16.34 -29.76
CA LEU A 154 -12.21 -16.19 -29.90
C LEU A 154 -12.87 -17.44 -29.35
N ILE A 155 -13.71 -17.27 -28.33
CA ILE A 155 -14.39 -18.37 -27.67
C ILE A 155 -15.88 -18.28 -27.96
N ARG A 156 -16.44 -19.39 -28.46
CA ARG A 156 -17.88 -19.57 -28.57
C ARG A 156 -18.32 -20.46 -27.42
N ASN A 157 -18.34 -19.89 -26.23
CA ASN A 157 -19.02 -20.43 -25.06
C ASN A 157 -20.42 -19.92 -25.31
N PRO A 158 -21.38 -20.76 -25.78
CA PRO A 158 -22.24 -20.32 -26.87
C PRO A 158 -22.03 -18.90 -27.42
N GLU A 159 -22.19 -17.87 -26.57
CA GLU A 159 -21.90 -16.49 -26.92
C GLU A 159 -20.40 -16.32 -27.23
N GLU A 160 -20.05 -15.17 -27.81
CA GLU A 160 -18.71 -14.90 -28.29
C GLU A 160 -17.89 -14.15 -27.25
N ILE A 161 -16.62 -14.53 -27.10
CA ILE A 161 -15.75 -13.98 -26.07
C ILE A 161 -14.33 -13.89 -26.63
N SER A 162 -13.72 -12.70 -26.53
CA SER A 162 -12.30 -12.52 -26.85
C SER A 162 -11.45 -12.65 -25.59
N VAL A 163 -10.21 -13.13 -25.75
CA VAL A 163 -9.21 -13.16 -24.68
C VAL A 163 -7.85 -12.82 -25.29
N ASP A 164 -7.32 -11.64 -25.01
CA ASP A 164 -6.01 -11.27 -25.52
C ASP A 164 -4.92 -11.82 -24.60
N ILE A 165 -4.14 -12.80 -25.06
CA ILE A 165 -2.93 -13.19 -24.35
C ILE A 165 -1.81 -12.26 -24.81
N ILE A 166 -1.40 -11.32 -23.94
CA ILE A 166 -0.33 -10.38 -24.26
C ILE A 166 0.99 -10.92 -23.71
N LEU A 167 1.98 -10.99 -24.58
CA LEU A 167 3.32 -11.37 -24.15
C LEU A 167 4.04 -10.15 -23.61
N ALA A 168 4.52 -10.25 -22.37
CA ALA A 168 5.23 -9.14 -21.74
C ALA A 168 6.55 -9.61 -21.17
N LEU A 169 7.59 -8.80 -21.35
CA LEU A 169 8.82 -8.92 -20.58
C LEU A 169 8.65 -8.16 -19.27
N GLU A 170 9.20 -8.67 -18.18
CA GLU A 170 9.06 -8.04 -16.87
C GLU A 170 10.41 -7.63 -16.34
N SER A 171 10.62 -6.33 -16.12
CA SER A 171 11.87 -5.83 -15.60
C SER A 171 11.64 -5.17 -14.24
N LYS A 172 12.43 -5.59 -13.27
CA LYS A 172 12.34 -5.14 -11.91
C LYS A 172 13.20 -3.92 -11.60
N GLY A 173 13.82 -3.30 -12.61
CA GLY A 173 14.67 -2.16 -12.37
C GLY A 173 13.82 -0.91 -12.24
N SER A 174 14.47 0.19 -11.88
CA SER A 174 13.76 1.46 -11.86
C SER A 174 13.29 1.81 -13.27
N TRP A 175 12.26 2.66 -13.36
CA TRP A 175 11.59 2.81 -14.65
C TRP A 175 12.45 3.61 -15.63
N PRO A 176 12.21 3.47 -16.93
CA PRO A 176 13.03 4.24 -17.88
C PRO A 176 12.79 5.72 -17.68
N ILE A 177 13.84 6.52 -17.90
CA ILE A 177 13.79 7.92 -17.50
C ILE A 177 12.69 8.71 -18.22
N SER A 178 12.15 8.19 -19.32
CA SER A 178 11.07 8.92 -19.96
C SER A 178 9.80 8.89 -19.14
N THR A 179 9.77 8.18 -18.01
CA THR A 179 8.63 8.21 -17.11
C THR A 179 8.89 9.04 -15.87
N LYS A 180 10.06 9.70 -15.78
CA LYS A 180 10.43 10.41 -14.56
C LYS A 180 9.37 11.44 -14.18
N GLU A 181 8.85 12.16 -15.16
CA GLU A 181 7.89 13.23 -14.95
C GLU A 181 6.45 12.77 -15.14
N GLY A 182 6.24 11.47 -15.37
CA GLY A 182 4.93 10.91 -15.58
C GLY A 182 4.30 10.40 -14.29
N LEU A 183 3.07 9.92 -14.42
CA LEU A 183 2.28 9.45 -13.30
C LEU A 183 2.19 10.54 -12.22
N PRO A 184 1.69 11.76 -12.58
CA PRO A 184 1.71 12.92 -11.66
C PRO A 184 0.60 12.90 -10.63
N ILE A 185 0.58 11.86 -9.79
CA ILE A 185 -0.50 11.62 -8.83
C ILE A 185 -0.23 12.28 -7.48
N GLN A 186 0.81 13.13 -7.39
CA GLN A 186 1.25 13.60 -6.09
C GLN A 186 0.16 14.34 -5.34
N GLY A 187 -0.72 15.05 -6.04
CA GLY A 187 -1.71 15.87 -5.35
C GLY A 187 -3.02 15.18 -5.19
N TRP A 188 -3.11 13.98 -5.75
CA TRP A 188 -4.31 13.19 -5.81
C TRP A 188 -4.14 11.89 -5.03
N LEU A 189 -3.24 11.02 -5.48
CA LEU A 189 -2.95 9.82 -4.73
C LEU A 189 -1.73 9.97 -3.80
N GLY A 190 -0.87 10.94 -4.01
CA GLY A 190 0.17 11.22 -3.05
C GLY A 190 1.53 10.64 -3.42
N THR A 191 2.56 11.12 -2.72
CA THR A 191 3.92 10.74 -3.05
C THR A 191 4.26 9.33 -2.56
N LYS A 192 3.85 8.98 -1.34
CA LYS A 192 4.08 7.63 -0.86
C LYS A 192 3.58 6.61 -1.87
N VAL A 193 2.38 6.85 -2.44
CA VAL A 193 1.82 5.94 -3.42
C VAL A 193 2.69 5.92 -4.67
N ARG A 194 3.04 7.10 -5.16
CA ARG A 194 3.85 7.21 -6.38
C ARG A 194 5.16 6.45 -6.26
N THR A 195 5.87 6.66 -5.13
CA THR A 195 7.14 5.97 -4.92
C THR A 195 6.94 4.44 -4.93
N ASN A 196 5.98 3.96 -4.14
CA ASN A 196 5.68 2.54 -4.16
C ASN A 196 5.36 2.06 -5.56
N LEU A 197 4.39 2.70 -6.23
CA LEU A 197 4.05 2.27 -7.58
C LEU A 197 5.31 2.23 -8.44
N ARG A 198 6.17 3.24 -8.34
CA ARG A 198 7.35 3.21 -9.20
C ARG A 198 8.38 2.15 -8.76
N ARG A 199 8.22 1.54 -7.58
CA ARG A 199 9.04 0.41 -7.16
C ARG A 199 8.57 -0.92 -7.75
N GLU A 200 7.31 -1.08 -8.12
CA GLU A 200 6.84 -2.26 -8.82
C GLU A 200 7.46 -2.34 -10.22
N PRO A 201 7.47 -3.52 -10.85
CA PRO A 201 8.18 -3.66 -12.13
C PRO A 201 7.50 -2.87 -13.24
N PHE A 202 8.21 -2.74 -14.36
CA PHE A 202 7.62 -2.25 -15.60
C PHE A 202 7.71 -3.33 -16.67
N TYR A 203 6.86 -3.21 -17.68
CA TYR A 203 6.64 -4.29 -18.64
C TYR A 203 6.88 -3.80 -20.05
N LEU A 204 7.39 -4.69 -20.89
CA LEU A 204 7.64 -4.41 -22.29
C LEU A 204 6.90 -5.45 -23.11
N VAL A 205 6.15 -4.99 -24.11
CA VAL A 205 5.39 -5.87 -25.00
C VAL A 205 5.88 -5.63 -26.43
N PRO A 206 5.70 -6.59 -27.34
CA PRO A 206 6.11 -6.36 -28.74
C PRO A 206 5.29 -5.27 -29.41
N LYS A 207 5.97 -4.32 -30.04
CA LYS A 207 5.27 -3.31 -30.84
C LYS A 207 4.50 -3.96 -31.99
N ASN A 208 5.19 -4.82 -32.77
CA ASN A 208 4.57 -5.70 -33.78
C ASN A 208 3.90 -4.92 -34.92
N ALA A 209 4.40 -3.74 -35.29
CA ALA A 209 3.97 -3.13 -36.54
C ALA A 209 4.81 -3.65 -37.71
N LYS A 210 4.18 -3.82 -38.86
CA LYS A 210 4.91 -4.20 -40.08
C LYS A 210 5.05 -3.01 -41.02
N ASP A 211 5.54 -1.92 -40.46
CA ASP A 211 5.67 -0.64 -41.13
C ASP A 211 6.89 -0.59 -42.07
N GLY A 212 7.80 -1.56 -41.97
CA GLY A 212 9.05 -1.42 -42.69
C GLY A 212 9.91 -0.26 -42.24
N ASN A 213 9.80 0.16 -40.97
CA ASN A 213 10.81 1.04 -40.35
C ASN A 213 11.96 0.21 -39.82
N SER A 214 13.10 0.87 -39.65
CA SER A 214 14.25 0.19 -39.09
C SER A 214 13.87 -0.43 -37.76
N PHE A 215 14.49 -1.58 -37.45
CA PHE A 215 14.34 -2.30 -36.19
C PHE A 215 12.90 -2.80 -35.98
N GLN A 216 12.09 -2.77 -37.04
CA GLN A 216 10.70 -3.19 -36.97
C GLN A 216 10.48 -4.44 -36.12
N GLY A 217 11.17 -5.52 -36.45
CA GLY A 217 10.97 -6.74 -35.69
C GLY A 217 11.62 -6.79 -34.33
N GLU A 218 12.26 -5.72 -33.88
CA GLU A 218 12.97 -5.79 -32.60
C GLU A 218 12.53 -4.69 -31.64
N THR A 219 11.42 -4.01 -31.92
CA THR A 219 10.94 -2.91 -31.10
C THR A 219 9.91 -3.39 -30.07
N TRP A 220 10.04 -2.84 -28.85
CA TRP A 220 9.14 -3.16 -27.73
C TRP A 220 8.51 -1.87 -27.21
N ARG A 221 7.31 -2.00 -26.66
CA ARG A 221 6.53 -0.87 -26.20
C ARG A 221 6.27 -1.02 -24.69
N LEU A 222 6.28 0.11 -23.98
CA LEU A 222 6.11 0.07 -22.54
C LEU A 222 4.65 -0.24 -22.17
N SER A 223 4.47 -0.93 -21.04
CA SER A 223 3.11 -1.20 -20.58
C SER A 223 3.00 -0.98 -19.08
N PHE A 224 1.96 -0.27 -18.69
CA PHE A 224 1.71 -0.01 -17.28
C PHE A 224 0.35 -0.57 -16.85
N SER A 225 -0.15 -1.60 -17.53
CA SER A 225 -1.50 -2.07 -17.22
C SER A 225 -1.64 -2.47 -15.77
N HIS A 226 -0.53 -2.84 -15.13
CA HIS A 226 -0.58 -3.22 -13.73
C HIS A 226 -0.77 -2.00 -12.83
N THR A 227 -0.11 -0.89 -13.17
CA THR A 227 -0.27 0.38 -12.50
C THR A 227 -1.67 0.95 -12.74
N GLU A 228 -2.16 0.83 -13.97
CA GLU A 228 -3.49 1.31 -14.27
C GLU A 228 -4.56 0.54 -13.49
N LYS A 229 -4.36 -0.77 -13.33
CA LYS A 229 -5.32 -1.55 -12.54
C LYS A 229 -5.32 -1.10 -11.09
N TYR A 230 -4.14 -0.88 -10.50
CA TYR A 230 -4.11 -0.38 -9.15
C TYR A 230 -4.86 0.94 -9.06
N ILE A 231 -4.59 1.82 -10.02
CA ILE A 231 -5.16 3.15 -9.96
C ILE A 231 -6.68 3.07 -9.99
N LEU A 232 -7.23 2.22 -10.86
CA LEU A 232 -8.68 2.13 -10.97
C LEU A 232 -9.32 1.55 -9.70
N ASN A 233 -8.67 0.60 -9.04
CA ASN A 233 -9.23 0.08 -7.79
C ASN A 233 -8.77 0.86 -6.56
N ASN A 234 -8.09 2.00 -6.75
CA ASN A 234 -7.57 2.81 -5.64
C ASN A 234 -7.52 4.27 -6.10
N HIS A 235 -8.67 4.78 -6.48
CA HIS A 235 -8.78 5.97 -7.28
C HIS A 235 -9.08 7.24 -6.49
N GLY A 236 -9.12 7.18 -5.15
CA GLY A 236 -9.61 8.33 -4.41
C GLY A 236 -8.59 9.08 -3.60
N ILE A 237 -8.88 10.31 -3.22
CA ILE A 237 -7.97 10.94 -2.26
C ILE A 237 -8.21 10.35 -0.87
N GLU A 238 -9.47 10.10 -0.52
CA GLU A 238 -9.79 9.47 0.74
C GLU A 238 -9.61 7.96 0.60
N LYS A 239 -8.97 7.34 1.59
CA LYS A 239 -8.73 5.91 1.53
C LYS A 239 -10.03 5.10 1.50
N THR A 240 -11.15 5.70 1.89
CA THR A 240 -12.40 4.96 1.96
C THR A 240 -13.31 5.21 0.76
N CYS A 241 -12.86 5.99 -0.22
CA CYS A 241 -13.67 6.23 -1.42
C CYS A 241 -14.20 4.93 -1.99
N CYS A 242 -15.54 4.79 -1.99
CA CYS A 242 -16.30 3.65 -2.52
C CYS A 242 -16.21 2.38 -1.68
N GLU A 243 -15.64 2.48 -0.48
CA GLU A 243 -15.57 1.34 0.43
C GLU A 243 -16.83 1.27 1.30
N SER A 244 -17.01 0.12 1.97
CA SER A 244 -18.25 -0.12 2.71
C SER A 244 -18.47 0.86 3.87
N SER A 245 -17.45 1.63 4.27
CA SER A 245 -17.58 2.67 5.30
C SER A 245 -17.08 4.02 4.82
N GLY A 246 -17.26 4.30 3.55
CA GLY A 246 -16.93 5.59 2.98
C GLY A 246 -17.96 5.98 1.94
N ALA A 247 -17.69 7.08 1.27
CA ALA A 247 -18.64 7.70 0.35
C ALA A 247 -18.38 7.24 -1.08
N LYS A 248 -19.46 6.97 -1.80
CA LYS A 248 -19.37 6.56 -3.20
C LYS A 248 -18.91 7.74 -4.05
N CYS A 249 -18.23 7.45 -5.15
CA CYS A 249 -18.01 8.48 -6.16
C CYS A 249 -18.51 7.96 -7.50
N CYS A 250 -18.29 8.75 -8.55
CA CYS A 250 -18.77 8.37 -9.87
C CYS A 250 -17.64 8.39 -10.88
N ARG A 251 -16.40 8.18 -10.42
CA ARG A 251 -15.25 8.17 -11.32
C ARG A 251 -15.37 7.03 -12.33
N LYS A 252 -15.47 5.78 -11.84
CA LYS A 252 -15.65 4.65 -12.75
C LYS A 252 -16.92 4.77 -13.57
N GLU A 253 -17.95 5.43 -13.02
CA GLU A 253 -19.19 5.59 -13.75
C GLU A 253 -19.00 6.50 -14.96
N CYS A 254 -18.17 7.53 -14.81
CA CYS A 254 -17.88 8.41 -15.94
C CYS A 254 -17.07 7.69 -17.01
N LEU A 255 -16.00 6.99 -16.61
CA LEU A 255 -15.25 6.22 -17.58
C LEU A 255 -16.17 5.27 -18.34
N LYS A 256 -17.02 4.54 -17.62
CA LYS A 256 -17.97 3.62 -18.26
C LYS A 256 -18.80 4.33 -19.33
N LEU A 257 -19.37 5.51 -18.98
CA LEU A 257 -20.20 6.25 -19.94
C LEU A 257 -19.38 6.75 -21.11
N MET A 258 -18.13 7.16 -20.84
CA MET A 258 -17.20 7.55 -21.89
C MET A 258 -16.89 6.39 -22.81
N LYS A 259 -16.58 5.23 -22.22
CA LYS A 259 -16.24 4.06 -23.03
C LYS A 259 -17.39 3.63 -23.93
N TYR A 260 -18.63 3.79 -23.45
CA TYR A 260 -19.83 3.34 -24.18
C TYR A 260 -20.13 4.23 -25.39
N LEU A 261 -20.12 5.56 -25.19
CA LEU A 261 -20.13 6.51 -26.29
C LEU A 261 -19.09 6.15 -27.36
N LEU A 262 -17.84 5.89 -26.93
CA LEU A 262 -16.82 5.57 -27.93
C LEU A 262 -17.12 4.25 -28.64
N GLU A 263 -17.46 3.21 -27.88
CA GLU A 263 -17.82 1.90 -28.45
C GLU A 263 -18.97 2.02 -29.43
N GLN A 264 -20.05 2.71 -29.02
CA GLN A 264 -21.21 2.84 -29.87
C GLN A 264 -20.86 3.55 -31.18
N LEU A 265 -20.16 4.68 -31.08
CA LEU A 265 -19.69 5.39 -32.26
C LEU A 265 -18.77 4.52 -33.11
N LYS A 266 -17.79 3.86 -32.47
CA LYS A 266 -16.83 3.03 -33.20
C LYS A 266 -17.52 1.89 -33.97
N LYS A 267 -18.74 1.52 -33.56
CA LYS A 267 -19.48 0.46 -34.27
C LYS A 267 -20.05 0.97 -35.58
N GLU A 268 -20.66 2.16 -35.56
CA GLU A 268 -21.33 2.65 -36.75
C GLU A 268 -20.34 3.15 -37.78
N PHE A 269 -19.32 3.89 -37.34
CA PHE A 269 -18.49 4.68 -38.24
C PHE A 269 -17.09 4.09 -38.26
N GLN A 270 -16.61 3.73 -39.46
CA GLN A 270 -15.26 3.17 -39.49
C GLN A 270 -14.19 4.24 -39.54
N GLU A 271 -14.58 5.50 -39.76
CA GLU A 271 -13.68 6.63 -39.59
C GLU A 271 -13.04 6.69 -38.21
N LEU A 272 -13.58 5.94 -37.24
CA LEU A 272 -13.12 5.99 -35.85
C LEU A 272 -12.22 4.81 -35.51
N ASP A 273 -11.77 4.06 -36.53
CA ASP A 273 -10.94 2.89 -36.29
C ASP A 273 -9.70 3.23 -35.48
N ALA A 274 -9.12 4.40 -35.69
CA ALA A 274 -7.87 4.72 -35.02
C ALA A 274 -8.06 5.10 -33.56
N PHE A 275 -9.29 5.08 -33.06
CA PHE A 275 -9.58 5.46 -31.68
C PHE A 275 -9.84 4.20 -30.86
N CYS A 276 -9.53 4.27 -29.57
CA CYS A 276 -9.73 3.09 -28.73
C CYS A 276 -9.90 3.53 -27.30
N SER A 277 -10.21 2.55 -26.44
CA SER A 277 -10.61 2.87 -25.09
C SER A 277 -9.43 3.31 -24.23
N TYR A 278 -8.20 3.02 -24.65
CA TYR A 278 -7.06 3.59 -23.94
C TYR A 278 -7.04 5.10 -24.08
N HIS A 279 -7.61 5.63 -25.15
CA HIS A 279 -7.68 7.07 -25.30
C HIS A 279 -8.60 7.67 -24.25
N VAL A 280 -9.84 7.19 -24.15
CA VAL A 280 -10.73 7.71 -23.11
C VAL A 280 -10.14 7.43 -21.73
N LYS A 281 -9.55 6.24 -21.53
CA LYS A 281 -8.92 5.92 -20.24
C LYS A 281 -7.83 6.91 -19.90
N THR A 282 -6.99 7.23 -20.87
CA THR A 282 -5.92 8.20 -20.62
C THR A 282 -6.51 9.56 -20.28
N ALA A 283 -7.42 10.05 -21.12
CA ALA A 283 -8.01 11.37 -20.88
C ALA A 283 -8.59 11.49 -19.48
N ILE A 284 -9.18 10.40 -18.96
CA ILE A 284 -9.78 10.48 -17.64
C ILE A 284 -8.72 10.38 -16.51
N PHE A 285 -7.59 9.69 -16.70
CA PHE A 285 -6.54 9.80 -15.70
C PHE A 285 -6.09 11.25 -15.55
N HIS A 286 -5.99 11.98 -16.67
CA HIS A 286 -5.70 13.42 -16.57
C HIS A 286 -6.81 14.14 -15.80
N MET A 287 -8.09 13.87 -16.13
CA MET A 287 -9.20 14.49 -15.40
C MET A 287 -9.16 14.16 -13.92
N TRP A 288 -8.83 12.91 -13.56
CA TRP A 288 -8.77 12.62 -12.14
C TRP A 288 -7.61 13.34 -11.48
N THR A 289 -6.53 13.59 -12.23
CA THR A 289 -5.44 14.38 -11.66
C THR A 289 -5.82 15.85 -11.62
N GLN A 290 -6.66 16.29 -12.55
CA GLN A 290 -7.06 17.69 -12.54
C GLN A 290 -8.08 17.97 -11.44
N ASP A 291 -9.03 17.05 -11.24
CA ASP A 291 -10.00 17.18 -10.14
C ASP A 291 -9.73 16.09 -9.10
N PRO A 292 -8.82 16.32 -8.18
CA PRO A 292 -8.39 15.25 -7.28
C PRO A 292 -9.44 14.84 -6.27
N GLN A 293 -10.14 15.83 -5.71
CA GLN A 293 -11.06 15.60 -4.59
C GLN A 293 -12.18 14.63 -4.95
N ASP A 294 -12.53 13.77 -3.99
CA ASP A 294 -13.69 12.89 -4.14
C ASP A 294 -14.99 13.69 -4.29
N SER A 295 -15.06 14.88 -3.70
CA SER A 295 -16.25 15.69 -3.80
C SER A 295 -16.41 16.27 -5.20
N GLN A 296 -15.31 16.44 -5.94
CA GLN A 296 -15.49 16.82 -7.35
C GLN A 296 -15.94 15.69 -8.18
N TRP A 297 -16.27 14.55 -7.56
CA TRP A 297 -16.89 13.41 -8.25
C TRP A 297 -17.98 12.83 -7.36
N ASP A 298 -18.88 13.69 -6.90
CA ASP A 298 -20.03 13.25 -6.15
C ASP A 298 -21.01 12.53 -7.07
N PRO A 299 -21.59 11.39 -6.65
CA PRO A 299 -22.54 10.66 -7.52
C PRO A 299 -23.70 11.50 -8.04
N ARG A 300 -24.14 12.50 -7.28
CA ARG A 300 -25.21 13.39 -7.71
C ARG A 300 -24.80 14.25 -8.91
N ASN A 301 -23.50 14.51 -9.06
CA ASN A 301 -22.94 15.36 -10.11
C ASN A 301 -22.44 14.55 -11.30
N LEU A 302 -22.86 13.29 -11.41
CA LEU A 302 -22.52 12.46 -12.55
C LEU A 302 -22.68 13.20 -13.88
N SER A 303 -23.81 13.90 -14.07
CA SER A 303 -24.01 14.63 -15.32
C SER A 303 -22.92 15.67 -15.55
N SER A 304 -22.67 16.55 -14.59
CA SER A 304 -21.66 17.56 -14.87
C SER A 304 -20.26 16.94 -14.95
N CYS A 305 -20.02 15.83 -14.23
CA CYS A 305 -18.71 15.17 -14.31
C CYS A 305 -18.51 14.59 -15.71
N PHE A 306 -19.51 13.86 -16.20
CA PHE A 306 -19.45 13.35 -17.57
C PHE A 306 -19.27 14.49 -18.57
N ASP A 307 -19.89 15.64 -18.28
CA ASP A 307 -19.80 16.80 -19.17
C ASP A 307 -18.39 17.35 -19.23
N LYS A 308 -17.79 17.60 -18.07
CA LYS A 308 -16.46 18.21 -18.07
C LYS A 308 -15.44 17.26 -18.68
N LEU A 309 -15.66 15.96 -18.54
CA LEU A 309 -14.79 14.98 -19.17
C LEU A 309 -14.94 15.03 -20.69
N LEU A 310 -16.15 15.28 -21.18
CA LEU A 310 -16.35 15.34 -22.62
C LEU A 310 -15.68 16.57 -23.22
N ALA A 311 -15.91 17.74 -22.61
CA ALA A 311 -15.29 18.95 -23.09
C ALA A 311 -13.77 18.81 -23.12
N PHE A 312 -13.19 18.28 -22.03
CA PHE A 312 -11.76 17.99 -22.00
C PHE A 312 -11.34 17.11 -23.18
N PHE A 313 -12.05 16.00 -23.40
CA PHE A 313 -11.72 15.14 -24.53
C PHE A 313 -11.79 15.92 -25.84
N LEU A 314 -12.83 16.75 -26.01
CA LEU A 314 -12.95 17.55 -27.23
C LEU A 314 -11.75 18.49 -27.40
N GLU A 315 -11.31 19.17 -26.32
CA GLU A 315 -10.11 20.01 -26.43
C GLU A 315 -8.87 19.19 -26.81
N CYS A 316 -8.75 17.96 -26.26
CA CYS A 316 -7.65 17.09 -26.66
C CYS A 316 -7.71 16.75 -28.13
N LEU A 317 -8.91 16.40 -28.61
CA LEU A 317 -9.11 16.12 -30.03
C LEU A 317 -8.75 17.32 -30.88
N ARG A 318 -9.20 18.51 -30.45
CA ARG A 318 -9.16 19.68 -31.30
C ARG A 318 -7.75 20.27 -31.33
N THR A 319 -7.06 20.29 -30.20
CA THR A 319 -5.68 20.73 -30.18
C THR A 319 -4.70 19.60 -30.44
N GLU A 320 -5.17 18.40 -30.78
CA GLU A 320 -4.31 17.29 -31.16
C GLU A 320 -3.24 17.00 -30.11
N LYS A 321 -3.63 17.00 -28.83
CA LYS A 321 -2.72 16.70 -27.71
C LYS A 321 -3.43 15.81 -26.71
N LEU A 322 -2.91 14.58 -26.53
CA LEU A 322 -3.35 13.61 -25.51
C LEU A 322 -2.09 12.91 -25.01
N ASP A 323 -1.44 13.52 -24.02
CA ASP A 323 -0.17 13.02 -23.52
C ASP A 323 -0.36 11.72 -22.73
N HIS A 324 0.46 10.71 -23.06
CA HIS A 324 0.43 9.44 -22.34
C HIS A 324 0.63 9.70 -20.87
N TYR A 325 -0.26 9.17 -20.04
CA TYR A 325 -0.20 9.48 -18.62
C TYR A 325 1.16 9.11 -18.02
N PHE A 326 1.82 8.09 -18.55
CA PHE A 326 3.07 7.64 -17.95
C PHE A 326 4.32 8.09 -18.69
N ILE A 327 4.19 8.54 -19.94
CA ILE A 327 5.31 8.95 -20.77
C ILE A 327 4.91 10.28 -21.38
N PRO A 328 5.06 11.38 -20.63
CA PRO A 328 4.39 12.62 -21.01
C PRO A 328 4.81 13.14 -22.38
N LYS A 329 5.99 12.74 -22.87
CA LYS A 329 6.41 13.20 -24.17
C LYS A 329 5.80 12.39 -25.30
N PHE A 330 4.94 11.42 -24.98
CA PHE A 330 4.29 10.60 -26.00
C PHE A 330 2.86 11.09 -26.19
N ASN A 331 2.57 11.64 -27.37
CA ASN A 331 1.28 12.26 -27.65
C ASN A 331 0.47 11.31 -28.52
N LEU A 332 -0.54 10.67 -27.91
CA LEU A 332 -1.36 9.67 -28.60
C LEU A 332 -2.19 10.29 -29.70
N PHE A 333 -2.35 11.61 -29.71
CA PHE A 333 -3.12 12.31 -30.72
C PHE A 333 -2.23 13.07 -31.69
N SER A 334 -0.92 12.82 -31.69
CA SER A 334 -0.07 13.46 -32.69
C SER A 334 -0.52 13.08 -34.08
N GLN A 335 -0.41 14.03 -35.01
CA GLN A 335 -0.74 13.83 -36.42
C GLN A 335 -0.23 12.49 -36.91
N GLU A 336 1.02 12.16 -36.54
CA GLU A 336 1.64 10.93 -36.99
C GLU A 336 0.93 9.67 -36.49
N LEU A 337 0.00 9.79 -35.55
CA LEU A 337 -0.76 8.64 -35.10
C LEU A 337 -2.20 8.62 -35.64
N ILE A 338 -2.83 9.79 -35.76
CA ILE A 338 -4.23 9.89 -36.19
C ILE A 338 -4.38 11.15 -37.04
N ASP A 339 -5.00 11.01 -38.22
CA ASP A 339 -5.28 12.14 -39.10
C ASP A 339 -6.21 13.13 -38.44
N ARG A 340 -5.94 14.42 -38.62
CA ARG A 340 -6.89 15.41 -38.10
C ARG A 340 -8.30 15.17 -38.65
N LYS A 341 -8.41 14.66 -39.88
CA LYS A 341 -9.72 14.30 -40.42
C LYS A 341 -10.47 13.40 -39.44
N SER A 342 -9.80 12.35 -38.94
CA SER A 342 -10.45 11.47 -37.97
C SER A 342 -10.76 12.20 -36.68
N LYS A 343 -9.92 13.17 -36.29
CA LYS A 343 -10.10 13.80 -34.99
C LYS A 343 -11.27 14.78 -34.99
N GLU A 344 -11.46 15.56 -36.07
CA GLU A 344 -12.62 16.45 -36.16
C GLU A 344 -13.91 15.68 -36.47
N PHE A 345 -13.81 14.52 -37.14
CA PHE A 345 -14.98 13.66 -37.29
C PHE A 345 -15.52 13.25 -35.92
N LEU A 346 -14.62 12.88 -35.00
CA LEU A 346 -15.05 12.50 -33.66
C LEU A 346 -15.54 13.70 -32.88
N SER A 347 -14.87 14.84 -33.03
CA SER A 347 -15.30 16.06 -32.35
C SER A 347 -16.76 16.38 -32.66
N LYS A 348 -17.12 16.31 -33.93
CA LYS A 348 -18.49 16.63 -34.32
C LYS A 348 -19.46 15.59 -33.76
N LYS A 349 -19.16 14.30 -33.95
CA LYS A 349 -20.02 13.25 -33.43
C LYS A 349 -20.19 13.33 -31.92
N ILE A 350 -19.12 13.67 -31.19
CA ILE A 350 -19.23 13.91 -29.76
C ILE A 350 -20.08 15.15 -29.48
N GLU A 351 -19.75 16.28 -30.13
CA GLU A 351 -20.53 17.53 -30.02
C GLU A 351 -22.01 17.29 -30.30
N TYR A 352 -22.33 16.51 -31.34
CA TYR A 352 -23.73 16.20 -31.61
C TYR A 352 -24.37 15.49 -30.43
N GLU A 353 -23.79 14.36 -30.01
CA GLU A 353 -24.34 13.61 -28.89
C GLU A 353 -24.57 14.53 -27.69
N ARG A 354 -23.57 15.35 -27.37
CA ARG A 354 -23.61 16.20 -26.19
C ARG A 354 -24.71 17.27 -26.27
N ASN A 355 -24.87 17.94 -27.42
CA ASN A 355 -25.91 18.97 -27.52
C ASN A 355 -27.31 18.41 -27.70
N ASN A 356 -27.47 17.10 -27.95
CA ASN A 356 -28.77 16.54 -28.31
C ASN A 356 -29.26 15.49 -27.34
N GLY A 357 -28.75 15.49 -26.11
CA GLY A 357 -29.23 14.53 -25.13
C GLY A 357 -28.82 13.10 -25.40
N PHE A 358 -27.67 12.89 -26.03
CA PHE A 358 -27.06 11.57 -26.23
C PHE A 358 -28.06 10.57 -26.79
N PRO A 359 -28.50 10.78 -28.04
CA PRO A 359 -29.35 9.76 -28.69
C PRO A 359 -28.69 8.40 -28.75
N ILE A 360 -27.37 8.36 -28.96
CA ILE A 360 -26.67 7.10 -29.18
C ILE A 360 -26.79 6.14 -28.01
N PHE A 361 -27.10 6.68 -26.82
CA PHE A 361 -27.32 5.84 -25.64
C PHE A 361 -28.56 4.97 -25.78
N ASP A 362 -29.60 5.48 -26.47
CA ASP A 362 -30.88 4.79 -26.59
C ASP A 362 -30.84 3.61 -27.56
N LYS A 363 -29.80 3.49 -28.37
CA LYS A 363 -29.64 2.35 -29.28
C LYS A 363 -29.73 1.03 -28.50
N ASP B 5 -0.41 30.15 19.78
CA ASP B 5 0.93 30.67 20.06
C ASP B 5 1.62 29.84 21.15
N LYS B 6 0.98 29.73 22.31
CA LYS B 6 1.52 29.02 23.46
C LYS B 6 1.94 27.59 23.10
N LEU B 7 0.98 26.79 22.63
CA LEU B 7 1.26 25.42 22.24
C LEU B 7 2.36 25.35 21.19
N LYS B 8 2.37 26.30 20.27
CA LYS B 8 3.46 26.30 19.30
C LYS B 8 4.81 26.35 20.02
N LYS B 9 5.01 27.36 20.88
CA LYS B 9 6.28 27.51 21.61
C LYS B 9 6.67 26.23 22.33
N VAL B 10 5.70 25.53 22.93
CA VAL B 10 5.98 24.25 23.57
C VAL B 10 6.53 23.27 22.55
N LEU B 11 5.89 23.21 21.37
CA LEU B 11 6.33 22.29 20.33
C LEU B 11 7.73 22.63 19.81
N ASP B 12 8.14 23.91 19.83
CA ASP B 12 9.51 24.17 19.39
C ASP B 12 10.51 23.72 20.45
N LYS B 13 10.13 23.83 21.72
CA LYS B 13 10.97 23.27 22.78
C LYS B 13 11.04 21.75 22.68
N LEU B 14 9.92 21.13 22.30
CA LEU B 14 9.84 19.68 22.18
C LEU B 14 10.61 19.16 20.97
N ARG B 15 10.90 20.04 20.01
CA ARG B 15 11.52 19.59 18.78
C ARG B 15 12.92 19.06 19.07
N LEU B 16 13.25 17.94 18.45
CA LEU B 16 14.61 17.43 18.45
C LEU B 16 15.44 18.21 17.46
N LYS B 17 16.73 18.31 17.74
CA LYS B 17 17.66 18.98 16.87
C LYS B 17 18.29 17.97 15.91
N ARG B 18 18.54 18.41 14.66
CA ARG B 18 19.22 17.56 13.68
C ARG B 18 20.56 17.06 14.20
N LYS B 19 21.28 17.90 14.96
CA LYS B 19 22.63 17.57 15.41
C LYS B 19 22.61 16.53 16.52
N ASP B 20 21.63 16.61 17.41
CA ASP B 20 21.50 15.58 18.44
C ASP B 20 21.01 14.27 17.85
N ILE B 21 20.14 14.34 16.85
CA ILE B 21 19.67 13.13 16.18
C ILE B 21 20.84 12.43 15.49
N SER B 22 21.67 13.20 14.78
CA SER B 22 22.80 12.62 14.05
C SER B 22 23.71 11.82 14.97
N GLU B 23 24.15 12.44 16.08
CA GLU B 23 25.11 11.82 16.98
C GLU B 23 24.48 10.69 17.80
N ALA B 24 23.22 10.85 18.22
CA ALA B 24 22.57 9.79 18.99
C ALA B 24 22.37 8.55 18.14
N ALA B 25 21.90 8.73 16.89
CA ALA B 25 21.61 7.57 16.04
C ALA B 25 22.89 6.88 15.57
N GLU B 26 23.96 7.62 15.32
CA GLU B 26 25.14 6.94 14.84
C GLU B 26 25.72 6.01 15.91
N THR B 27 25.57 6.38 17.19
CA THR B 27 26.04 5.48 18.25
C THR B 27 25.07 4.34 18.48
N VAL B 28 23.78 4.64 18.57
CA VAL B 28 22.77 3.58 18.67
C VAL B 28 22.97 2.58 17.53
N ASN B 29 23.08 3.06 16.31
CA ASN B 29 23.20 2.16 15.17
C ASN B 29 24.38 1.21 15.34
N LYS B 30 25.60 1.76 15.53
CA LYS B 30 26.79 0.99 15.87
C LYS B 30 26.54 -0.19 16.83
N VAL B 31 25.84 0.07 17.94
CA VAL B 31 25.62 -0.96 18.94
C VAL B 31 24.62 -2.00 18.45
N VAL B 32 23.54 -1.54 17.80
CA VAL B 32 22.45 -2.43 17.41
C VAL B 32 22.87 -3.36 16.27
N GLU B 33 23.70 -2.88 15.33
CA GLU B 33 24.16 -3.77 14.29
C GLU B 33 25.09 -4.83 14.84
N ARG B 34 25.98 -4.44 15.76
CA ARG B 34 26.87 -5.41 16.36
C ARG B 34 26.07 -6.47 17.10
N LEU B 35 25.17 -6.05 18.01
CA LEU B 35 24.33 -7.01 18.70
C LEU B 35 23.54 -7.89 17.74
N LEU B 36 23.18 -7.35 16.56
CA LEU B 36 22.46 -8.16 15.58
C LEU B 36 23.37 -9.20 14.94
N ARG B 37 24.63 -8.82 14.63
CA ARG B 37 25.59 -9.77 14.08
C ARG B 37 25.86 -10.92 15.06
N ARG B 38 26.06 -10.59 16.34
CA ARG B 38 26.33 -11.61 17.35
C ARG B 38 25.20 -12.63 17.41
N MET B 39 23.97 -12.21 17.14
CA MET B 39 22.84 -13.14 17.17
C MET B 39 22.85 -14.09 15.98
N GLN B 40 23.23 -13.58 14.81
CA GLN B 40 23.10 -14.36 13.57
C GLN B 40 24.40 -15.11 13.31
N LYS B 41 25.43 -14.42 12.82
CA LYS B 41 26.63 -15.08 12.30
C LYS B 41 27.41 -15.87 13.35
N ARG B 42 26.84 -16.01 14.55
CA ARG B 42 27.24 -17.01 15.53
C ARG B 42 26.13 -18.02 15.69
N GLU B 43 26.47 -19.31 15.57
CA GLU B 43 25.49 -20.40 15.62
C GLU B 43 24.70 -20.42 16.92
N SER B 44 23.79 -19.46 17.06
CA SER B 44 22.98 -19.28 18.26
C SER B 44 21.54 -19.71 18.03
N GLU B 45 20.80 -19.81 19.13
CA GLU B 45 19.40 -20.24 19.11
C GLU B 45 18.50 -19.20 18.49
N PHE B 46 19.02 -17.98 18.32
CA PHE B 46 18.35 -16.88 17.64
C PHE B 46 18.96 -16.59 16.27
N LYS B 47 19.68 -17.56 15.68
CA LYS B 47 20.09 -17.45 14.30
C LYS B 47 18.89 -17.11 13.45
N GLY B 48 18.95 -15.97 12.77
CA GLY B 48 17.86 -15.55 11.92
C GLY B 48 16.95 -14.49 12.48
N VAL B 49 17.32 -13.86 13.61
CA VAL B 49 16.55 -12.74 14.08
C VAL B 49 16.70 -11.60 13.08
N GLU B 50 15.61 -10.85 12.89
CA GLU B 50 15.65 -9.67 12.04
C GLU B 50 15.36 -8.45 12.89
N GLN B 51 15.86 -7.31 12.44
CA GLN B 51 15.69 -6.06 13.16
C GLN B 51 14.46 -5.34 12.64
N LEU B 52 13.68 -4.79 13.57
CA LEU B 52 12.55 -3.95 13.21
C LEU B 52 12.53 -2.80 14.20
N ASN B 53 12.72 -1.58 13.71
CA ASN B 53 12.75 -0.42 14.61
C ASN B 53 11.33 0.02 14.93
N THR B 54 11.03 0.24 16.21
CA THR B 54 9.70 0.67 16.61
C THR B 54 9.80 1.85 17.56
N GLY B 55 8.65 2.37 18.00
CA GLY B 55 8.63 3.34 19.08
C GLY B 55 8.52 4.76 18.58
N SER B 56 8.65 5.70 19.52
CA SER B 56 8.31 7.05 19.13
C SER B 56 9.41 7.71 18.32
N TYR B 57 10.66 7.28 18.46
CA TYR B 57 11.68 7.90 17.63
C TYR B 57 11.47 7.57 16.16
N TYR B 58 11.08 6.33 15.87
CA TYR B 58 10.86 5.89 14.49
C TYR B 58 9.47 6.21 13.97
N GLU B 59 8.56 6.66 14.84
CA GLU B 59 7.26 7.20 14.45
C GLU B 59 7.31 8.71 14.27
N HIS B 60 8.47 9.32 14.56
CA HIS B 60 8.66 10.76 14.50
C HIS B 60 7.80 11.48 15.53
N VAL B 61 7.52 10.81 16.65
CA VAL B 61 6.85 11.48 17.76
C VAL B 61 7.71 11.51 19.03
N LYS B 62 9.03 11.32 18.90
CA LYS B 62 9.91 11.45 20.07
C LYS B 62 10.05 12.92 20.46
N ILE B 63 9.86 13.24 21.74
CA ILE B 63 9.96 14.62 22.19
C ILE B 63 11.24 14.85 22.99
N SER B 64 11.54 16.14 23.20
CA SER B 64 12.63 16.66 24.04
C SER B 64 14.03 16.37 23.50
N ALA B 65 14.41 15.09 23.45
CA ALA B 65 15.74 14.66 23.07
C ALA B 65 15.65 13.29 22.41
N PRO B 66 16.61 12.96 21.53
CA PRO B 66 16.68 11.59 20.99
C PRO B 66 17.42 10.64 21.92
N ASN B 67 16.84 10.40 23.10
CA ASN B 67 17.52 9.67 24.17
C ASN B 67 16.85 8.32 24.47
N GLU B 68 15.96 7.86 23.61
CA GLU B 68 15.33 6.58 23.90
C GLU B 68 14.92 5.95 22.58
N PHE B 69 15.47 4.78 22.29
CA PHE B 69 15.24 4.05 21.05
C PHE B 69 14.66 2.69 21.37
N ASP B 70 13.86 2.15 20.45
CA ASP B 70 13.24 0.85 20.66
C ASP B 70 13.48 -0.01 19.43
N VAL B 71 14.06 -1.18 19.66
CA VAL B 71 14.40 -2.09 18.57
C VAL B 71 13.80 -3.44 18.92
N MET B 72 13.23 -4.09 17.92
CA MET B 72 12.64 -5.41 18.08
C MET B 72 13.52 -6.37 17.31
N PHE B 73 14.01 -7.40 17.98
CA PHE B 73 14.69 -8.51 17.31
C PHE B 73 13.64 -9.61 17.15
N LYS B 74 13.17 -9.81 15.93
CA LYS B 74 12.03 -10.69 15.68
C LYS B 74 12.50 -11.96 14.99
N LEU B 75 11.91 -13.08 15.38
CA LEU B 75 12.34 -14.40 14.92
C LEU B 75 11.12 -15.17 14.45
N GLU B 76 11.18 -15.66 13.21
CA GLU B 76 10.05 -16.40 12.66
C GLU B 76 10.07 -17.82 13.22
N VAL B 77 8.93 -18.24 13.75
CA VAL B 77 8.76 -19.59 14.29
C VAL B 77 7.50 -20.20 13.66
N PRO B 78 7.65 -21.25 12.86
CA PRO B 78 6.54 -21.69 12.01
C PRO B 78 5.61 -22.66 12.70
N ARG B 79 4.38 -22.74 12.15
CA ARG B 79 3.24 -23.50 12.66
C ARG B 79 3.32 -23.74 14.17
N ILE B 80 3.33 -22.66 14.93
CA ILE B 80 3.28 -22.71 16.38
C ILE B 80 1.84 -22.44 16.80
N GLU B 81 1.34 -23.20 17.77
CA GLU B 81 -0.05 -23.07 18.20
C GLU B 81 -0.12 -22.15 19.41
N LEU B 82 -1.16 -21.34 19.48
CA LEU B 82 -1.41 -20.44 20.60
C LEU B 82 -2.52 -20.98 21.49
N GLN B 83 -2.55 -20.46 22.71
CA GLN B 83 -3.65 -20.74 23.64
C GLN B 83 -3.83 -19.56 24.56
N GLU B 84 -5.03 -18.96 24.52
CA GLU B 84 -5.29 -17.75 25.30
C GLU B 84 -5.25 -18.02 26.79
N TYR B 85 -4.66 -17.08 27.51
CA TYR B 85 -4.41 -17.19 28.95
C TYR B 85 -5.61 -16.63 29.71
N TYR B 86 -6.51 -17.51 30.14
CA TYR B 86 -7.63 -17.12 30.99
C TYR B 86 -8.37 -15.90 30.42
N GLU B 87 -8.77 -16.00 29.15
CA GLU B 87 -9.65 -15.02 28.52
C GLU B 87 -9.19 -13.57 28.72
N THR B 88 -7.87 -13.35 28.77
CA THR B 88 -7.38 -11.98 29.00
C THR B 88 -7.28 -11.18 27.72
N GLY B 89 -7.25 -11.84 26.58
CA GLY B 89 -7.10 -11.19 25.28
C GLY B 89 -5.66 -11.01 24.81
N ALA B 90 -4.81 -10.49 25.70
CA ALA B 90 -3.47 -10.03 25.31
C ALA B 90 -2.36 -11.03 25.61
N PHE B 91 -2.59 -12.02 26.47
CA PHE B 91 -1.54 -12.91 26.92
C PHE B 91 -1.85 -14.35 26.50
N TYR B 92 -0.81 -15.07 26.09
CA TYR B 92 -0.95 -16.36 25.41
C TYR B 92 0.17 -17.29 25.80
N LEU B 93 -0.15 -18.58 25.82
CA LEU B 93 0.87 -19.64 25.88
C LEU B 93 1.21 -20.11 24.47
N VAL B 94 2.49 -20.35 24.23
CA VAL B 94 2.97 -20.79 22.93
C VAL B 94 3.29 -22.28 23.03
N LYS B 95 2.63 -23.07 22.19
CA LYS B 95 2.79 -24.52 22.14
C LYS B 95 3.19 -24.92 20.73
N PHE B 96 3.51 -26.20 20.57
CA PHE B 96 3.77 -26.75 19.22
C PHE B 96 2.77 -27.87 18.88
N PRO B 104 15.66 -26.25 16.53
CA PRO B 104 16.22 -24.93 16.81
C PRO B 104 15.93 -24.39 18.22
N LEU B 105 14.67 -24.19 18.60
CA LEU B 105 14.31 -23.60 19.91
C LEU B 105 14.31 -24.63 21.04
N SER B 106 14.87 -25.81 20.79
CA SER B 106 14.67 -27.01 21.59
C SER B 106 14.76 -26.71 23.08
N HIS B 107 15.89 -26.18 23.48
CA HIS B 107 16.21 -25.97 24.88
C HIS B 107 15.34 -24.88 25.57
N PHE B 108 14.26 -24.38 24.97
CA PHE B 108 13.35 -23.47 25.66
C PHE B 108 11.98 -24.12 25.79
N VAL B 113 5.60 -26.63 25.59
CA VAL B 113 5.41 -25.20 25.85
C VAL B 113 6.73 -24.39 25.75
N LEU B 114 6.68 -23.30 24.99
CA LEU B 114 7.85 -22.46 24.74
C LEU B 114 7.93 -21.37 25.82
N SER B 115 9.04 -21.35 26.55
CA SER B 115 9.15 -20.56 27.78
C SER B 115 9.71 -19.19 27.47
N ALA B 116 8.93 -18.16 27.81
CA ALA B 116 9.39 -16.78 27.65
C ALA B 116 10.61 -16.48 28.53
N THR B 117 10.53 -16.84 29.82
CA THR B 117 11.64 -16.51 30.73
C THR B 117 12.92 -17.22 30.33
N LYS B 118 12.82 -18.50 29.99
CA LYS B 118 14.01 -19.22 29.56
C LYS B 118 14.60 -18.61 28.29
N MET B 119 13.76 -18.34 27.31
CA MET B 119 14.25 -17.84 26.04
C MET B 119 14.75 -16.39 26.17
N LEU B 120 14.14 -15.61 27.05
CA LEU B 120 14.61 -14.25 27.28
C LEU B 120 15.93 -14.24 28.02
N SER B 121 16.11 -15.20 28.95
CA SER B 121 17.33 -15.24 29.75
C SER B 121 18.55 -15.49 28.89
N LYS B 122 18.49 -16.45 27.97
CA LYS B 122 19.62 -16.69 27.08
C LYS B 122 19.88 -15.49 26.18
N PHE B 123 18.81 -14.96 25.58
CA PHE B 123 18.86 -13.72 24.83
C PHE B 123 19.61 -12.63 25.60
N ARG B 124 19.21 -12.43 26.85
CA ARG B 124 19.88 -11.47 27.72
C ARG B 124 21.36 -11.82 27.91
N LYS B 125 21.68 -13.11 28.08
CA LYS B 125 23.06 -13.55 28.26
C LYS B 125 23.90 -13.18 27.05
N ILE B 126 23.40 -13.50 25.86
CA ILE B 126 24.17 -13.24 24.64
C ILE B 126 24.46 -11.76 24.52
N ILE B 127 23.44 -10.92 24.72
CA ILE B 127 23.64 -9.48 24.62
C ILE B 127 24.64 -9.01 25.67
N LYS B 128 24.55 -9.56 26.89
CA LYS B 128 25.43 -9.10 27.96
C LYS B 128 26.88 -9.50 27.68
N GLU B 129 27.11 -10.71 27.13
CA GLU B 129 28.45 -11.12 26.70
C GLU B 129 29.01 -10.15 25.65
N GLU B 130 28.20 -9.85 24.62
CA GLU B 130 28.64 -8.97 23.55
C GLU B 130 28.91 -7.54 24.04
N VAL B 131 28.18 -7.09 25.08
CA VAL B 131 28.35 -5.71 25.53
C VAL B 131 29.65 -5.56 26.34
N LYS B 132 30.04 -6.61 27.08
CA LYS B 132 31.36 -6.62 27.73
C LYS B 132 32.51 -6.50 26.72
N GLU B 133 32.30 -6.90 25.47
CA GLU B 133 33.32 -6.78 24.44
C GLU B 133 33.23 -5.49 23.63
N ILE B 134 32.23 -4.63 23.90
CA ILE B 134 32.28 -3.29 23.35
C ILE B 134 33.42 -2.54 24.03
N LYS B 135 34.28 -1.91 23.23
CA LYS B 135 35.38 -1.12 23.78
C LYS B 135 35.48 0.32 23.26
N ASP B 136 34.58 0.74 22.37
CA ASP B 136 34.63 2.07 21.78
C ASP B 136 33.45 2.94 22.15
N ILE B 137 32.42 2.36 22.76
CA ILE B 137 31.23 3.09 23.17
C ILE B 137 30.93 2.73 24.61
N ASP B 138 30.56 3.74 25.40
CA ASP B 138 30.30 3.55 26.82
C ASP B 138 28.88 3.01 27.00
N VAL B 139 28.76 1.69 27.12
CA VAL B 139 27.46 1.02 27.08
C VAL B 139 27.42 -0.12 28.09
N SER B 140 26.43 -0.10 28.98
CA SER B 140 26.20 -1.18 29.93
C SER B 140 24.73 -1.64 29.87
N VAL B 141 24.46 -2.81 30.43
CA VAL B 141 23.13 -3.41 30.37
C VAL B 141 22.40 -3.10 31.67
N GLU B 142 21.26 -2.41 31.57
CA GLU B 142 20.50 -2.10 32.76
C GLU B 142 20.03 -3.39 33.43
N LYS B 143 19.94 -3.34 34.76
CA LYS B 143 19.34 -4.41 35.57
C LYS B 143 17.96 -4.85 35.05
N GLU B 144 17.65 -6.13 35.21
CA GLU B 144 16.35 -6.65 34.73
C GLU B 144 15.20 -6.02 35.50
N LYS B 145 14.09 -5.78 34.79
CA LYS B 145 12.93 -5.12 35.36
C LYS B 145 11.71 -6.04 35.32
N PRO B 146 10.76 -5.85 36.25
CA PRO B 146 9.51 -6.63 36.21
C PRO B 146 8.52 -6.02 35.24
N GLY B 147 8.07 -6.83 34.27
CA GLY B 147 7.12 -6.36 33.29
C GLY B 147 7.71 -5.81 32.02
N SER B 148 9.04 -5.88 31.88
CA SER B 148 9.70 -5.53 30.64
C SER B 148 10.08 -6.79 29.89
N PRO B 149 9.70 -6.91 28.62
CA PRO B 149 10.25 -7.95 27.75
C PRO B 149 11.62 -7.60 27.19
N ALA B 150 12.23 -6.54 27.70
CA ALA B 150 13.35 -5.89 27.04
C ALA B 150 14.67 -6.15 27.75
N VAL B 151 15.73 -6.20 26.95
CA VAL B 151 17.06 -5.94 27.47
C VAL B 151 17.34 -4.49 27.16
N THR B 152 17.50 -3.69 28.20
CA THR B 152 17.75 -2.27 28.03
C THR B 152 19.24 -1.99 28.13
N LEU B 153 19.76 -1.26 27.16
CA LEU B 153 21.14 -0.78 27.18
C LEU B 153 21.15 0.68 27.61
N LEU B 154 21.97 1.02 28.59
CA LEU B 154 22.25 2.42 28.89
C LEU B 154 23.54 2.79 28.18
N ILE B 155 23.43 3.68 27.20
CA ILE B 155 24.57 4.24 26.51
C ILE B 155 24.88 5.62 27.07
N ARG B 156 26.15 5.87 27.28
CA ARG B 156 26.70 7.16 27.67
C ARG B 156 27.49 7.64 26.46
N ASN B 157 26.80 8.30 25.54
CA ASN B 157 27.43 9.30 24.67
C ASN B 157 27.92 10.38 25.61
N PRO B 158 28.33 11.56 25.14
CA PRO B 158 28.41 12.68 26.10
C PRO B 158 27.14 12.68 26.94
N GLU B 159 26.01 12.35 26.29
CA GLU B 159 24.68 12.31 26.87
C GLU B 159 24.25 10.87 27.16
N GLU B 160 23.07 10.74 27.76
CA GLU B 160 22.51 9.46 28.15
C GLU B 160 21.42 9.02 27.18
N ILE B 161 21.55 7.81 26.65
CA ILE B 161 20.59 7.22 25.73
C ILE B 161 20.25 5.81 26.21
N SER B 162 18.97 5.48 26.25
CA SER B 162 18.54 4.12 26.56
C SER B 162 18.02 3.43 25.29
N VAL B 163 18.31 2.13 25.18
CA VAL B 163 17.89 1.30 24.04
C VAL B 163 17.21 0.05 24.59
N ASP B 164 15.98 -0.20 24.15
CA ASP B 164 15.22 -1.40 24.49
C ASP B 164 15.40 -2.42 23.37
N ILE B 165 16.08 -3.52 23.66
CA ILE B 165 16.15 -4.64 22.72
C ILE B 165 15.01 -5.60 23.09
N ILE B 166 13.91 -5.51 22.34
CA ILE B 166 12.73 -6.33 22.56
C ILE B 166 12.87 -7.66 21.82
N LEU B 167 12.72 -8.77 22.54
CA LEU B 167 12.64 -10.09 21.92
C LEU B 167 11.21 -10.39 21.51
N ALA B 168 11.02 -10.83 20.26
CA ALA B 168 9.67 -11.06 19.75
C ALA B 168 9.64 -12.23 18.79
N LEU B 169 8.70 -13.15 19.02
CA LEU B 169 8.38 -14.22 18.08
C LEU B 169 7.49 -13.66 16.98
N GLU B 170 7.66 -14.15 15.76
CA GLU B 170 6.92 -13.67 14.60
C GLU B 170 6.12 -14.82 13.98
N SER B 171 4.80 -14.65 13.87
CA SER B 171 3.93 -15.66 13.28
C SER B 171 3.19 -15.08 12.08
N LYS B 172 3.30 -15.78 10.96
CA LYS B 172 2.68 -15.36 9.71
C LYS B 172 1.24 -15.83 9.57
N GLY B 173 0.72 -16.59 10.53
CA GLY B 173 -0.67 -17.00 10.48
C GLY B 173 -1.62 -15.82 10.63
N SER B 174 -2.91 -16.15 10.58
CA SER B 174 -3.92 -15.13 10.80
C SER B 174 -3.90 -14.69 12.25
N TRP B 175 -4.44 -13.51 12.52
CA TRP B 175 -4.31 -12.97 13.86
C TRP B 175 -5.26 -13.70 14.82
N PRO B 176 -4.87 -13.79 16.10
CA PRO B 176 -5.69 -14.52 17.07
C PRO B 176 -7.06 -13.91 17.23
N ILE B 177 -8.00 -14.76 17.63
CA ILE B 177 -9.42 -14.41 17.61
C ILE B 177 -9.71 -13.13 18.41
N SER B 178 -8.94 -12.88 19.48
CA SER B 178 -9.26 -11.72 20.32
C SER B 178 -9.11 -10.41 19.59
N THR B 179 -8.34 -10.36 18.49
CA THR B 179 -8.16 -9.14 17.72
C THR B 179 -9.15 -9.00 16.59
N LYS B 180 -10.14 -9.89 16.50
CA LYS B 180 -11.06 -9.85 15.36
C LYS B 180 -11.84 -8.55 15.35
N GLU B 181 -12.26 -8.09 16.52
CA GLU B 181 -12.90 -6.81 16.67
C GLU B 181 -11.91 -5.67 16.72
N GLY B 182 -10.62 -5.96 16.74
CA GLY B 182 -9.61 -4.94 16.96
C GLY B 182 -9.48 -4.01 15.77
N LEU B 183 -8.59 -3.02 15.94
CA LEU B 183 -8.09 -2.19 14.85
C LEU B 183 -9.24 -1.64 13.99
N PRO B 184 -10.18 -0.86 14.61
CA PRO B 184 -11.38 -0.36 13.90
C PRO B 184 -11.08 0.84 13.00
N ILE B 185 -10.30 0.62 11.95
CA ILE B 185 -9.87 1.71 11.08
C ILE B 185 -10.78 1.88 9.86
N GLN B 186 -11.89 1.11 9.76
CA GLN B 186 -12.69 1.04 8.53
C GLN B 186 -13.32 2.37 8.15
N GLY B 187 -13.61 3.24 9.13
CA GLY B 187 -14.15 4.53 8.77
C GLY B 187 -13.10 5.59 8.57
N TRP B 188 -11.85 5.22 8.85
CA TRP B 188 -10.76 6.19 8.89
C TRP B 188 -9.71 5.84 7.85
N LEU B 189 -8.94 4.75 8.01
CA LEU B 189 -7.98 4.32 7.01
C LEU B 189 -8.58 3.36 5.96
N GLY B 190 -9.64 2.62 6.28
CA GLY B 190 -10.33 1.85 5.26
C GLY B 190 -10.29 0.34 5.43
N THR B 191 -11.21 -0.35 4.73
CA THR B 191 -11.20 -1.81 4.81
C THR B 191 -10.04 -2.42 4.05
N LYS B 192 -9.61 -1.79 2.96
CA LYS B 192 -8.45 -2.30 2.24
C LYS B 192 -7.21 -2.20 3.12
N VAL B 193 -7.01 -1.04 3.78
CA VAL B 193 -5.84 -0.90 4.64
C VAL B 193 -5.92 -1.92 5.78
N ARG B 194 -7.06 -1.96 6.47
CA ARG B 194 -7.21 -2.94 7.55
C ARG B 194 -6.89 -4.36 7.07
N THR B 195 -7.53 -4.79 5.98
CA THR B 195 -7.34 -6.18 5.56
C THR B 195 -5.86 -6.45 5.28
N ASN B 196 -5.16 -5.46 4.71
CA ASN B 196 -3.74 -5.61 4.36
C ASN B 196 -2.87 -5.66 5.60
N LEU B 197 -3.08 -4.72 6.52
CA LEU B 197 -2.47 -4.77 7.85
C LEU B 197 -2.68 -6.12 8.53
N ARG B 198 -3.88 -6.69 8.39
CA ARG B 198 -4.10 -7.97 9.07
C ARG B 198 -3.49 -9.14 8.32
N ARG B 199 -3.03 -8.94 7.08
CA ARG B 199 -2.20 -9.92 6.38
C ARG B 199 -0.74 -9.91 6.83
N GLU B 200 -0.27 -8.82 7.42
CA GLU B 200 1.06 -8.76 7.96
C GLU B 200 1.17 -9.72 9.13
N PRO B 201 2.38 -10.13 9.50
CA PRO B 201 2.54 -11.02 10.66
C PRO B 201 1.95 -10.41 11.92
N PHE B 202 1.99 -11.18 13.02
CA PHE B 202 1.78 -10.66 14.36
C PHE B 202 2.86 -11.19 15.27
N TYR B 203 3.04 -10.53 16.41
CA TYR B 203 4.25 -10.69 17.21
C TYR B 203 3.92 -10.94 18.67
N LEU B 204 4.72 -11.80 19.28
CA LEU B 204 4.59 -12.14 20.68
C LEU B 204 5.85 -11.71 21.40
N VAL B 205 5.69 -11.05 22.54
CA VAL B 205 6.83 -10.62 23.33
C VAL B 205 6.64 -11.20 24.73
N PRO B 206 7.71 -11.36 25.51
CA PRO B 206 7.56 -11.90 26.87
C PRO B 206 6.74 -11.01 27.81
N LYS B 207 5.76 -11.60 28.49
CA LYS B 207 5.16 -10.95 29.65
C LYS B 207 5.99 -11.34 30.87
N ASN B 208 6.81 -10.40 31.34
CA ASN B 208 7.88 -10.68 32.31
C ASN B 208 7.52 -10.03 33.64
N ALA B 209 6.46 -10.57 34.26
CA ALA B 209 5.68 -9.79 35.23
C ALA B 209 6.24 -9.84 36.65
N LYS B 210 6.68 -11.00 37.12
CA LYS B 210 7.10 -11.20 38.52
C LYS B 210 5.96 -10.90 39.50
N ASP B 211 4.71 -11.05 39.04
CA ASP B 211 3.58 -10.83 39.93
C ASP B 211 3.42 -11.93 41.00
N GLY B 212 4.22 -12.99 40.95
CA GLY B 212 4.00 -14.12 41.83
C GLY B 212 2.75 -14.90 41.54
N ASN B 213 2.07 -14.59 40.42
CA ASN B 213 0.78 -15.19 40.03
C ASN B 213 0.95 -16.60 39.52
N SER B 214 0.58 -16.77 38.25
CA SER B 214 0.34 -18.08 37.70
C SER B 214 1.38 -18.41 36.63
N PHE B 215 0.92 -18.54 35.38
CA PHE B 215 1.75 -19.06 34.30
C PHE B 215 2.84 -18.07 33.92
N GLN B 216 3.14 -17.13 34.82
CA GLN B 216 3.80 -15.89 34.43
C GLN B 216 5.08 -16.12 33.64
N GLY B 217 5.82 -17.19 33.97
CA GLY B 217 7.07 -17.43 33.28
C GLY B 217 6.93 -17.93 31.86
N GLU B 218 5.74 -18.40 31.48
CA GLU B 218 5.47 -18.97 30.17
C GLU B 218 4.53 -18.09 29.33
N THR B 219 4.31 -16.86 29.76
CA THR B 219 3.29 -16.01 29.19
C THR B 219 3.92 -15.02 28.21
N TRP B 220 3.36 -14.97 26.99
CA TRP B 220 3.76 -13.99 26.00
C TRP B 220 2.66 -12.95 25.82
N ARG B 221 3.05 -11.75 25.35
CA ARG B 221 2.09 -10.69 25.07
C ARG B 221 2.09 -10.35 23.58
N LEU B 222 0.91 -9.98 23.07
CA LEU B 222 0.79 -9.59 21.66
C LEU B 222 1.46 -8.25 21.45
N SER B 223 1.93 -8.04 20.22
CA SER B 223 2.60 -6.78 19.93
C SER B 223 2.26 -6.38 18.51
N PHE B 224 1.76 -5.17 18.39
CA PHE B 224 1.43 -4.61 17.10
C PHE B 224 2.20 -3.32 16.86
N SER B 225 3.40 -3.22 17.43
CA SER B 225 4.25 -2.05 17.22
C SER B 225 4.53 -1.81 15.75
N HIS B 226 4.52 -2.86 14.92
CA HIS B 226 4.73 -2.65 13.49
C HIS B 226 3.48 -2.04 12.85
N THR B 227 2.30 -2.43 13.32
CA THR B 227 1.07 -1.82 12.82
C THR B 227 0.93 -0.38 13.30
N GLU B 228 1.21 -0.13 14.59
CA GLU B 228 1.19 1.23 15.09
C GLU B 228 2.17 2.13 14.35
N LYS B 229 3.32 1.59 13.93
CA LYS B 229 4.29 2.39 13.18
C LYS B 229 3.73 2.80 11.83
N TYR B 230 3.10 1.86 11.15
CA TYR B 230 2.46 2.18 9.88
C TYR B 230 1.43 3.27 10.07
N ILE B 231 0.57 3.12 11.10
CA ILE B 231 -0.55 4.04 11.27
C ILE B 231 -0.06 5.44 11.54
N LEU B 232 0.98 5.57 12.38
CA LEU B 232 1.57 6.88 12.63
C LEU B 232 2.05 7.49 11.33
N ASN B 233 2.61 6.67 10.46
CA ASN B 233 3.18 7.15 9.21
C ASN B 233 2.14 7.27 8.10
N ASN B 234 0.90 6.81 8.34
CA ASN B 234 -0.20 6.77 7.37
C ASN B 234 -1.52 7.07 8.09
N HIS B 235 -1.58 8.26 8.67
CA HIS B 235 -2.57 8.56 9.68
C HIS B 235 -3.73 9.37 9.18
N GLY B 236 -3.81 9.64 7.86
CA GLY B 236 -4.83 10.52 7.34
C GLY B 236 -5.97 9.82 6.63
N ILE B 237 -7.09 10.51 6.49
CA ILE B 237 -8.11 9.95 5.59
C ILE B 237 -7.72 10.21 4.14
N GLU B 238 -7.08 11.35 3.87
CA GLU B 238 -6.57 11.65 2.54
C GLU B 238 -5.15 11.09 2.43
N LYS B 239 -4.83 10.45 1.31
CA LYS B 239 -3.51 9.86 1.14
C LYS B 239 -2.40 10.90 1.14
N THR B 240 -2.73 12.18 0.93
CA THR B 240 -1.71 13.23 0.90
C THR B 240 -1.51 13.91 2.25
N CYS B 241 -2.24 13.51 3.30
CA CYS B 241 -2.04 14.12 4.61
C CYS B 241 -0.55 14.18 4.96
N CYS B 242 -0.06 15.39 5.27
CA CYS B 242 1.32 15.65 5.70
C CYS B 242 2.40 15.27 4.70
N GLU B 243 2.07 15.13 3.42
CA GLU B 243 3.06 14.92 2.39
C GLU B 243 3.41 16.26 1.73
N SER B 244 4.39 16.24 0.82
CA SER B 244 4.85 17.49 0.22
C SER B 244 3.78 18.14 -0.66
N SER B 245 2.88 17.36 -1.27
CA SER B 245 1.78 17.92 -2.06
C SER B 245 0.44 17.86 -1.34
N GLY B 246 0.43 17.73 -0.03
CA GLY B 246 -0.83 17.77 0.70
C GLY B 246 -0.86 18.81 1.80
N ALA B 247 -1.87 18.71 2.67
CA ALA B 247 -1.98 19.59 3.83
C ALA B 247 -1.42 18.88 5.04
N LYS B 248 -0.61 19.60 5.82
CA LYS B 248 -0.19 19.15 7.13
C LYS B 248 -1.39 19.14 8.06
N CYS B 249 -1.34 18.26 9.06
CA CYS B 249 -2.33 18.16 10.12
C CYS B 249 -1.57 18.26 11.44
N CYS B 250 -2.31 18.23 12.54
CA CYS B 250 -1.66 18.38 13.84
C CYS B 250 -1.84 17.14 14.71
N ARG B 251 -2.13 15.99 14.10
CA ARG B 251 -2.35 14.76 14.86
C ARG B 251 -1.15 14.41 15.73
N LYS B 252 0.05 14.34 15.15
CA LYS B 252 1.25 14.01 15.93
C LYS B 252 1.64 15.11 16.90
N GLU B 253 1.39 16.37 16.54
CA GLU B 253 1.71 17.48 17.43
C GLU B 253 0.84 17.42 18.69
N CYS B 254 -0.40 16.94 18.55
CA CYS B 254 -1.23 16.71 19.72
C CYS B 254 -0.71 15.55 20.55
N LEU B 255 -0.27 14.47 19.90
CA LEU B 255 0.32 13.36 20.64
C LEU B 255 1.56 13.82 21.41
N LYS B 256 2.40 14.68 20.79
CA LYS B 256 3.59 15.15 21.48
C LYS B 256 3.21 15.99 22.70
N LEU B 257 2.19 16.86 22.56
CA LEU B 257 1.79 17.70 23.68
C LEU B 257 1.23 16.86 24.82
N MET B 258 0.44 15.83 24.50
CA MET B 258 -0.14 14.98 25.53
C MET B 258 0.91 14.06 26.15
N LYS B 259 1.91 13.62 25.37
CA LYS B 259 3.03 12.90 25.97
C LYS B 259 3.82 13.79 26.92
N TYR B 260 4.02 15.07 26.55
CA TYR B 260 4.79 16.00 27.38
C TYR B 260 4.07 16.25 28.70
N LEU B 261 2.76 16.50 28.62
CA LEU B 261 1.98 16.73 29.82
C LEU B 261 2.05 15.52 30.77
N LEU B 262 2.02 14.30 30.22
CA LEU B 262 2.14 13.11 31.06
C LEU B 262 3.55 12.97 31.62
N GLU B 263 4.58 13.23 30.79
CA GLU B 263 5.96 13.17 31.26
C GLU B 263 6.21 14.17 32.39
N GLN B 264 5.77 15.43 32.20
CA GLN B 264 5.93 16.43 33.25
C GLN B 264 5.22 16.00 34.52
N LEU B 265 4.02 15.44 34.38
CA LEU B 265 3.27 15.01 35.55
C LEU B 265 3.98 13.84 36.23
N LYS B 266 4.44 12.87 35.43
CA LYS B 266 5.05 11.68 36.03
C LYS B 266 6.32 12.02 36.78
N LYS B 267 7.09 13.04 36.32
CA LYS B 267 8.27 13.46 37.06
C LYS B 267 7.91 13.99 38.45
N GLU B 268 6.80 14.71 38.57
CA GLU B 268 6.50 15.37 39.84
C GLU B 268 5.83 14.42 40.82
N PHE B 269 4.90 13.59 40.37
CA PHE B 269 4.03 12.83 41.25
C PHE B 269 4.26 11.33 41.02
N GLN B 270 5.04 10.69 41.90
CA GLN B 270 5.25 9.25 41.78
C GLN B 270 3.96 8.46 41.92
N GLU B 271 2.90 9.09 42.41
CA GLU B 271 1.58 8.51 42.39
C GLU B 271 1.09 8.27 40.96
N LEU B 272 1.84 8.74 39.96
CA LEU B 272 1.57 8.49 38.55
C LEU B 272 2.50 7.43 37.96
N ASP B 273 3.22 6.69 38.80
CA ASP B 273 4.18 5.70 38.33
C ASP B 273 3.53 4.67 37.40
N ALA B 274 2.24 4.34 37.60
CA ALA B 274 1.59 3.27 36.85
C ALA B 274 1.02 3.72 35.51
N PHE B 275 1.25 4.96 35.12
CA PHE B 275 0.84 5.46 33.81
C PHE B 275 2.05 5.50 32.90
N CYS B 276 1.81 5.36 31.59
CA CYS B 276 2.91 5.44 30.64
C CYS B 276 2.41 6.05 29.34
N SER B 277 3.36 6.30 28.42
CA SER B 277 3.03 6.97 27.18
C SER B 277 2.08 6.14 26.32
N TYR B 278 2.11 4.81 26.44
CA TYR B 278 1.23 3.96 25.63
C TYR B 278 -0.25 4.18 25.99
N HIS B 279 -0.54 4.65 27.20
CA HIS B 279 -1.90 5.05 27.51
C HIS B 279 -2.31 6.25 26.64
N VAL B 280 -1.42 7.23 26.53
CA VAL B 280 -1.68 8.36 25.66
C VAL B 280 -1.73 7.92 24.23
N LYS B 281 -0.78 7.08 23.81
CA LYS B 281 -0.79 6.53 22.47
C LYS B 281 -2.13 5.85 22.16
N THR B 282 -2.55 4.93 23.03
CA THR B 282 -3.82 4.25 22.83
C THR B 282 -4.97 5.24 22.72
N ALA B 283 -5.08 6.13 23.71
CA ALA B 283 -6.20 7.07 23.72
C ALA B 283 -6.31 7.86 22.42
N ILE B 284 -5.18 8.20 21.80
CA ILE B 284 -5.27 9.05 20.62
C ILE B 284 -5.51 8.21 19.36
N PHE B 285 -5.17 6.92 19.38
CA PHE B 285 -5.69 6.05 18.33
C PHE B 285 -7.21 6.05 18.35
N HIS B 286 -7.80 6.01 19.54
CA HIS B 286 -9.26 6.05 19.64
C HIS B 286 -9.82 7.39 19.16
N MET B 287 -9.22 8.51 19.61
CA MET B 287 -9.63 9.82 19.11
C MET B 287 -9.53 9.90 17.59
N TRP B 288 -8.43 9.39 17.02
CA TRP B 288 -8.25 9.49 15.57
C TRP B 288 -9.35 8.74 14.81
N THR B 289 -9.87 7.66 15.40
CA THR B 289 -10.99 6.91 14.82
C THR B 289 -12.32 7.60 15.10
N GLN B 290 -12.42 8.34 16.19
CA GLN B 290 -13.63 9.10 16.40
C GLN B 290 -13.69 10.29 15.46
N ASP B 291 -12.55 10.92 15.17
CA ASP B 291 -12.52 12.11 14.34
C ASP B 291 -11.68 11.86 13.09
N PRO B 292 -12.18 11.08 12.15
CA PRO B 292 -11.33 10.61 11.08
C PRO B 292 -10.96 11.69 10.05
N GLN B 293 -11.78 12.75 9.89
CA GLN B 293 -11.52 13.76 8.86
C GLN B 293 -10.23 14.51 9.15
N ASP B 294 -9.43 14.72 8.09
CA ASP B 294 -8.19 15.49 8.28
C ASP B 294 -8.50 16.93 8.68
N SER B 295 -9.65 17.46 8.27
CA SER B 295 -9.95 18.86 8.60
C SER B 295 -10.20 19.02 10.10
N GLN B 296 -10.75 17.99 10.76
CA GLN B 296 -10.91 18.01 12.20
C GLN B 296 -9.58 18.10 12.92
N TRP B 297 -8.46 17.92 12.20
CA TRP B 297 -7.12 18.05 12.77
C TRP B 297 -6.34 19.10 11.98
N ASP B 298 -7.00 20.19 11.61
CA ASP B 298 -6.36 21.29 10.91
C ASP B 298 -5.34 21.94 11.83
N PRO B 299 -4.14 22.28 11.31
CA PRO B 299 -3.12 22.96 12.13
C PRO B 299 -3.62 24.18 12.89
N ARG B 300 -4.58 24.91 12.34
CA ARG B 300 -5.06 26.13 12.99
C ARG B 300 -5.92 25.84 14.20
N ASN B 301 -6.47 24.63 14.32
CA ASN B 301 -7.26 24.21 15.46
C ASN B 301 -6.44 23.49 16.51
N LEU B 302 -5.11 23.66 16.50
CA LEU B 302 -4.27 22.86 17.38
C LEU B 302 -4.74 22.91 18.82
N SER B 303 -5.11 24.10 19.29
CA SER B 303 -5.56 24.26 20.67
C SER B 303 -6.87 23.51 20.93
N SER B 304 -7.88 23.70 20.06
CA SER B 304 -9.11 22.97 20.32
C SER B 304 -8.96 21.48 20.11
N CYS B 305 -7.91 21.04 19.39
CA CYS B 305 -7.67 19.62 19.19
C CYS B 305 -7.02 18.99 20.42
N PHE B 306 -5.97 19.62 20.95
CA PHE B 306 -5.44 19.22 22.25
C PHE B 306 -6.56 19.12 23.27
N ASP B 307 -7.36 20.18 23.37
CA ASP B 307 -8.44 20.24 24.33
C ASP B 307 -9.35 19.01 24.24
N LYS B 308 -9.89 18.71 23.06
CA LYS B 308 -10.80 17.56 23.01
C LYS B 308 -10.06 16.27 23.34
N LEU B 309 -8.77 16.20 23.03
CA LEU B 309 -7.99 15.03 23.43
C LEU B 309 -7.87 14.93 24.95
N LEU B 310 -7.62 16.05 25.65
CA LEU B 310 -7.61 15.98 27.11
C LEU B 310 -8.97 15.51 27.63
N ALA B 311 -10.06 16.10 27.11
CA ALA B 311 -11.40 15.67 27.48
C ALA B 311 -11.58 14.16 27.28
N PHE B 312 -11.24 13.66 26.09
CA PHE B 312 -11.37 12.23 25.84
C PHE B 312 -10.56 11.42 26.86
N PHE B 313 -9.34 11.88 27.18
CA PHE B 313 -8.52 11.17 28.14
C PHE B 313 -9.13 11.24 29.53
N LEU B 314 -9.83 12.34 29.84
CA LEU B 314 -10.48 12.49 31.13
C LEU B 314 -11.73 11.63 31.27
N GLU B 315 -12.38 11.31 30.13
CA GLU B 315 -13.49 10.37 30.14
C GLU B 315 -13.01 8.93 30.24
N CYS B 316 -11.78 8.68 29.76
CA CYS B 316 -11.16 7.36 29.92
C CYS B 316 -10.79 7.11 31.36
N LEU B 317 -10.14 8.09 32.01
CA LEU B 317 -9.87 8.01 33.44
C LEU B 317 -11.14 7.85 34.24
N ARG B 318 -12.13 8.73 34.01
CA ARG B 318 -13.31 8.78 34.86
C ARG B 318 -14.10 7.48 34.80
N THR B 319 -14.17 6.87 33.63
CA THR B 319 -14.88 5.61 33.43
C THR B 319 -13.98 4.39 33.48
N GLU B 320 -12.71 4.57 33.86
CA GLU B 320 -11.76 3.46 34.02
C GLU B 320 -11.76 2.55 32.79
N LYS B 321 -11.91 3.16 31.60
CA LYS B 321 -12.07 2.40 30.36
C LYS B 321 -11.09 2.90 29.31
N LEU B 322 -10.07 2.09 29.02
CA LEU B 322 -9.11 2.37 27.95
C LEU B 322 -8.77 1.02 27.30
N ASP B 323 -9.61 0.62 26.34
CA ASP B 323 -9.43 -0.66 25.66
C ASP B 323 -8.22 -0.62 24.73
N HIS B 324 -7.44 -1.70 24.75
CA HIS B 324 -6.32 -1.86 23.83
C HIS B 324 -6.79 -1.77 22.39
N TYR B 325 -6.21 -0.84 21.62
CA TYR B 325 -6.74 -0.55 20.30
C TYR B 325 -6.77 -1.77 19.40
N PHE B 326 -6.00 -2.83 19.73
CA PHE B 326 -5.99 -4.04 18.92
C PHE B 326 -6.66 -5.23 19.60
N ILE B 327 -6.81 -5.18 20.92
CA ILE B 327 -7.36 -6.26 21.73
C ILE B 327 -8.51 -5.69 22.56
N PRO B 328 -9.71 -5.53 22.00
CA PRO B 328 -10.66 -4.56 22.57
C PRO B 328 -11.17 -4.96 23.95
N LYS B 329 -11.05 -6.23 24.31
CA LYS B 329 -11.44 -6.73 25.61
C LYS B 329 -10.36 -6.57 26.67
N PHE B 330 -9.24 -5.94 26.35
CA PHE B 330 -8.12 -5.75 27.28
C PHE B 330 -8.10 -4.30 27.73
N ASN B 331 -8.71 -4.04 28.91
CA ASN B 331 -8.88 -2.69 29.46
C ASN B 331 -7.59 -2.28 30.19
N LEU B 332 -6.86 -1.31 29.61
CA LEU B 332 -5.63 -0.79 30.21
C LEU B 332 -5.93 0.05 31.45
N PHE B 333 -7.19 0.38 31.69
CA PHE B 333 -7.58 1.18 32.85
C PHE B 333 -8.39 0.37 33.85
N SER B 334 -8.42 -0.95 33.72
CA SER B 334 -9.11 -1.79 34.69
C SER B 334 -8.53 -1.59 36.08
N GLN B 335 -9.41 -1.73 37.09
CA GLN B 335 -8.96 -1.74 38.49
C GLN B 335 -7.75 -2.65 38.68
N GLU B 336 -7.75 -3.80 38.02
CA GLU B 336 -6.70 -4.78 38.22
C GLU B 336 -5.33 -4.31 37.73
N LEU B 337 -5.26 -3.23 36.97
CA LEU B 337 -3.98 -2.71 36.49
C LEU B 337 -3.58 -1.43 37.18
N ILE B 338 -4.54 -0.54 37.42
CA ILE B 338 -4.29 0.77 38.01
C ILE B 338 -5.37 1.02 39.05
N ASP B 339 -4.97 1.50 40.22
CA ASP B 339 -5.95 1.78 41.25
C ASP B 339 -6.73 3.06 40.93
N ARG B 340 -7.99 3.10 41.40
CA ARG B 340 -8.84 4.24 41.07
C ARG B 340 -8.27 5.53 41.65
N LYS B 341 -7.66 5.46 42.84
CA LYS B 341 -7.03 6.66 43.39
C LYS B 341 -6.04 7.25 42.37
N SER B 342 -5.25 6.38 41.71
CA SER B 342 -4.27 6.86 40.75
C SER B 342 -4.94 7.61 39.61
N LYS B 343 -6.09 7.11 39.16
CA LYS B 343 -6.79 7.73 38.04
C LYS B 343 -7.37 9.08 38.42
N GLU B 344 -8.03 9.17 39.59
CA GLU B 344 -8.55 10.45 40.05
C GLU B 344 -7.43 11.41 40.40
N PHE B 345 -6.34 10.90 40.96
CA PHE B 345 -5.14 11.71 41.11
C PHE B 345 -4.78 12.37 39.79
N LEU B 346 -4.75 11.58 38.72
CA LEU B 346 -4.38 12.11 37.41
C LEU B 346 -5.46 13.02 36.85
N SER B 347 -6.73 12.68 37.05
CA SER B 347 -7.81 13.56 36.64
C SER B 347 -7.61 14.96 37.19
N LYS B 348 -7.39 15.07 38.51
CA LYS B 348 -7.29 16.38 39.15
C LYS B 348 -6.10 17.17 38.61
N LYS B 349 -4.92 16.56 38.51
CA LYS B 349 -3.78 17.25 37.88
C LYS B 349 -4.12 17.72 36.47
N ILE B 350 -4.66 16.82 35.65
CA ILE B 350 -5.05 17.18 34.28
C ILE B 350 -6.04 18.34 34.31
N GLU B 351 -7.11 18.19 35.09
CA GLU B 351 -8.09 19.27 35.20
C GLU B 351 -7.42 20.58 35.58
N TYR B 352 -6.54 20.53 36.58
CA TYR B 352 -5.85 21.72 37.05
C TYR B 352 -5.06 22.38 35.92
N GLU B 353 -4.16 21.61 35.29
CA GLU B 353 -3.37 22.16 34.18
C GLU B 353 -4.26 22.74 33.10
N ARG B 354 -5.37 22.06 32.78
CA ARG B 354 -6.20 22.43 31.65
C ARG B 354 -6.92 23.75 31.89
N ASN B 355 -7.47 23.93 33.07
CA ASN B 355 -8.21 25.15 33.37
C ASN B 355 -7.30 26.35 33.63
N ASN B 356 -6.01 26.11 33.90
CA ASN B 356 -5.08 27.17 34.27
C ASN B 356 -4.02 27.41 33.20
N GLY B 357 -4.35 27.08 31.94
CA GLY B 357 -3.47 27.36 30.81
C GLY B 357 -2.14 26.65 30.87
N PHE B 358 -2.09 25.49 31.51
CA PHE B 358 -0.92 24.61 31.54
C PHE B 358 0.30 25.33 32.09
N PRO B 359 0.33 25.60 33.39
CA PRO B 359 1.58 26.08 34.01
C PRO B 359 2.71 25.08 33.93
N ILE B 360 2.40 23.79 34.04
CA ILE B 360 3.45 22.78 34.03
C ILE B 360 4.31 22.86 32.76
N PHE B 361 3.76 23.42 31.68
CA PHE B 361 4.50 23.47 30.41
C PHE B 361 5.64 24.48 30.46
N ASP B 362 5.50 25.54 31.28
CA ASP B 362 6.40 26.69 31.23
C ASP B 362 7.76 26.46 31.89
N LYS B 363 7.94 25.38 32.64
CA LYS B 363 9.23 25.13 33.26
C LYS B 363 10.23 24.50 32.29
#